data_8XX3
#
_entry.id   8XX3
#
_cell.length_a   1.00
_cell.length_b   1.00
_cell.length_c   1.00
_cell.angle_alpha   90.00
_cell.angle_beta   90.00
_cell.angle_gamma   90.00
#
_symmetry.space_group_name_H-M   'P 1'
#
loop_
_entity.id
_entity.type
_entity.pdbx_description
1 polymer 'C-X-C motif chemokine 3'
2 polymer 'C-X-C chemokine receptor type 2'
3 polymer 'Guanine nucleotide-binding protein G(o) subunit alpha'
4 polymer 'Guanine nucleotide-binding protein G(I)/G(S)/G(T) subunit beta-1'
5 polymer 'Guanine nucleotide-binding protein G(I)/G(S)/G(O) subunit gamma-2'
6 polymer 'Antibody fragment ScFv16'
#
loop_
_entity_poly.entity_id
_entity_poly.type
_entity_poly.pdbx_seq_one_letter_code
_entity_poly.pdbx_strand_id
1 'polypeptide(L)' ASVVTELRCQCLQTLQGIHLKNIQSVNVRSPGPHCAQTEVIATLKNGKKACLNPASPMVQKIIEKILNKGSTN E,D
2 'polypeptide(L)'
;MGKTIIALSYIFCLVFADYKDDDDAANFTPVNGSSGNQSVRLVTSSSLEVLFQGPGSEDFNMESDSFEDFWKGEDLSNYS
YSSTLPPFLLDAAPCEPESLEINKYFVVIIYALVFLLSLLGNSLVMLVILYSRVGRSVTDVYLLNLALADLLFALTLPIW
AASKVNGWIFGTFLCKVVSLLKEVNFYSGILLLACISVDRYLAIVHATRTLTQKRYLVKFICLSIWGLSLLLALPVLLFR
RTVYSSNVSPACYEDMGNNTANWRMLLRILPQSFGFIVPLLIMLFCYGFTLRTLFKAHMGQKHRAMRVIFAVVLIFLLCW
LPYNLVLLADTLMRTQVIQETCERRNHIDRALDATEILGILHSCLNPLIYAFIGQKFRHGLLKILAIHGLISKDSLPKDS
RPSFVGSSSGHTSTTL
;
R
3 'polypeptide(L)'
;MGHHHHHHENLYFQGTLSAEERAALERSKAIEKNLKEDGISAAKDVKLLLLGADNSGKSTIVKQMKIIHGGSGGSGGTTG
IVETHFTFKNLHFRLFDVGGQRSERKKWIHCFEDVTAIIFCVDLSDYNRMHESLMLFDSICNNKFFIDTSIILFLNKKDL
FGEKIKKSPLTICFPEYTGPNTYEDAAAYIQAQFESKNRSPNKEIYCHMTCATDTNNAQVIFDAVTDIIIANNLRGCGLY
;
A
4 'polypeptide(L)'
;MHHHHHHGSSGSELDQLRQEAEQLKNQIRDARKACADATLSQITNNIDPVGRIQMRTRRTLRGHLAKIYAMHWGTDSRLL
VSASQDGKLIIWDSYTTNKVHAIPLRSSWVMTCAYAPSGNYVACGGLDNICSIYNLKTREGNVRVSRELAGHTGYLSCCR
FLDDNQIVTSSGDTTCALWDIETGQQTTTFTGHTGDVMSLSLAPDTRLFVSGACDASAKLWDVREGMCRQTFTGHESDIN
AICFFPNGNAFATGSDDATCRLFDLRADQELMTYSHDNIICGITSVSFSKSGRLLLAGYDDFNCNVWDALKADRAGVLAG
HDNRVSCLGVTDDGMAVATGSWDSFLKIWN
;
B
5 'polypeptide(L)' MASNNTASIAQARKLVEQLKMEANIDRIKVSKAAADLMAYCEAHAKEDPLLTPVPASENPFREKKFFCAIL G
6 'polypeptide(L)'
;DVQLVESGGGLVQPGGSRKLSCSASGFAFSSFGMHWVRQAPEKGLEWVAYISSGSGTIYYADTVKGRFTISRDDPKNTLF
LQMTSLRSEDTAMYYCVRSIYYYGSSPFDFWGQGTTLTVSSGGGGSGGGGSGGGGSDIVMTQATSSVPVTPGESVSISCR
SSKSLLHSNGNTYLYWFLQRPGQSPQLLIYRMSNLASGVPDRFSGSGSGTAFTLTISRLEAEDVGVYYCMQHLEYPLTFG
AGTKLELK
;
S
#
# COMPACT_ATOMS: atom_id res chain seq x y z
N GLY A 17 -31.78 -16.34 60.56
CA GLY A 17 -32.40 -17.12 59.45
C GLY A 17 -31.63 -16.99 58.16
N ILE A 18 -30.38 -17.44 58.18
CA ILE A 18 -29.51 -17.34 57.01
C ILE A 18 -29.86 -18.46 56.04
N HIS A 19 -29.98 -18.11 54.76
CA HIS A 19 -30.33 -19.08 53.74
C HIS A 19 -29.17 -20.06 53.51
N LEU A 20 -29.51 -21.28 53.13
CA LEU A 20 -28.49 -22.30 52.92
C LEU A 20 -27.52 -21.90 51.80
N LYS A 21 -28.06 -21.35 50.71
CA LYS A 21 -27.24 -21.08 49.54
C LYS A 21 -26.11 -20.09 49.82
N ASN A 22 -26.22 -19.29 50.89
CA ASN A 22 -25.21 -18.31 51.23
C ASN A 22 -24.21 -18.81 52.28
N ILE A 23 -24.43 -19.98 52.85
CA ILE A 23 -23.54 -20.49 53.90
C ILE A 23 -22.42 -21.28 53.25
N GLN A 24 -21.17 -20.86 53.51
CA GLN A 24 -19.99 -21.55 53.01
C GLN A 24 -19.47 -22.58 54.02
N SER A 25 -19.40 -22.21 55.30
CA SER A 25 -18.90 -23.14 56.30
C SER A 25 -19.53 -22.83 57.64
N VAL A 26 -19.50 -23.83 58.52
CA VAL A 26 -20.05 -23.72 59.87
C VAL A 26 -19.00 -24.21 60.86
N ASN A 27 -18.78 -23.45 61.93
CA ASN A 27 -17.85 -23.82 62.99
C ASN A 27 -18.60 -23.81 64.31
N VAL A 28 -18.47 -24.90 65.07
CA VAL A 28 -19.16 -25.07 66.34
C VAL A 28 -18.11 -25.09 67.44
N ARG A 29 -18.19 -24.14 68.36
CA ARG A 29 -17.26 -24.03 69.48
C ARG A 29 -17.97 -24.42 70.76
N SER A 30 -17.46 -25.45 71.42
CA SER A 30 -18.07 -25.95 72.64
C SER A 30 -17.75 -25.03 73.81
N PRO A 31 -18.49 -25.15 74.91
CA PRO A 31 -18.24 -24.28 76.07
C PRO A 31 -16.83 -24.49 76.61
N GLY A 32 -16.24 -23.40 77.10
CA GLY A 32 -14.92 -23.42 77.66
C GLY A 32 -14.71 -22.30 78.66
N PRO A 33 -13.48 -22.10 79.21
CA PRO A 33 -13.27 -21.07 80.21
C PRO A 33 -13.59 -19.70 79.61
N HIS A 34 -13.24 -19.50 78.34
CA HIS A 34 -13.44 -18.18 77.75
C HIS A 34 -14.88 -17.95 77.30
N CYS A 35 -15.74 -18.96 77.36
CA CYS A 35 -17.15 -18.79 76.98
C CYS A 35 -17.92 -19.99 77.50
N ALA A 36 -18.99 -19.73 78.26
CA ALA A 36 -19.78 -20.80 78.85
C ALA A 36 -20.92 -21.29 77.96
N GLN A 37 -21.13 -20.65 76.81
CA GLN A 37 -22.21 -21.01 75.92
C GLN A 37 -21.67 -21.52 74.59
N THR A 38 -22.28 -22.59 74.09
CA THR A 38 -21.92 -23.13 72.78
C THR A 38 -22.16 -22.07 71.71
N GLU A 39 -21.20 -21.91 70.82
CA GLU A 39 -21.29 -20.92 69.74
C GLU A 39 -21.33 -21.63 68.39
N VAL A 40 -22.13 -21.08 67.48
CA VAL A 40 -22.17 -21.51 66.10
C VAL A 40 -21.87 -20.29 65.24
N ILE A 41 -20.78 -20.36 64.46
CA ILE A 41 -20.35 -19.26 63.62
C ILE A 41 -20.41 -19.74 62.17
N ALA A 42 -21.19 -19.06 61.36
CA ALA A 42 -21.32 -19.39 59.95
C ALA A 42 -20.52 -18.39 59.13
N THR A 43 -19.61 -18.90 58.30
CA THR A 43 -18.86 -18.10 57.35
C THR A 43 -19.58 -18.18 56.01
N LEU A 44 -20.06 -17.04 55.53
CA LEU A 44 -20.82 -16.96 54.30
C LEU A 44 -19.88 -16.84 53.10
N LYS A 45 -20.46 -17.02 51.91
CA LYS A 45 -19.68 -16.90 50.68
C LYS A 45 -19.06 -15.52 50.52
N ASN A 46 -19.66 -14.49 51.11
CA ASN A 46 -19.17 -13.12 50.99
C ASN A 46 -18.12 -12.78 52.05
N GLY A 47 -17.78 -13.72 52.92
CA GLY A 47 -16.71 -13.52 53.88
C GLY A 47 -17.13 -12.98 55.23
N LYS A 48 -18.40 -12.61 55.40
CA LYS A 48 -18.85 -12.11 56.69
C LYS A 48 -19.23 -13.26 57.62
N LYS A 49 -18.80 -13.15 58.87
CA LYS A 49 -19.08 -14.16 59.88
C LYS A 49 -20.35 -13.78 60.64
N ALA A 50 -21.26 -14.75 60.78
CA ALA A 50 -22.53 -14.52 61.46
C ALA A 50 -22.68 -15.51 62.62
N CYS A 51 -23.36 -15.07 63.66
CA CYS A 51 -23.62 -15.92 64.81
C CYS A 51 -25.01 -16.53 64.70
N LEU A 52 -25.11 -17.83 64.99
CA LEU A 52 -26.38 -18.55 64.93
C LEU A 52 -26.75 -19.06 66.31
N ASN A 53 -28.05 -19.14 66.57
CA ASN A 53 -28.54 -19.63 67.85
C ASN A 53 -28.43 -21.15 67.87
N PRO A 54 -27.67 -21.73 68.81
CA PRO A 54 -27.55 -23.20 68.82
C PRO A 54 -28.86 -23.91 69.06
N ALA A 55 -29.78 -23.33 69.83
CA ALA A 55 -31.04 -23.99 70.15
C ALA A 55 -31.98 -24.10 68.95
N SER A 56 -31.71 -23.38 67.87
CA SER A 56 -32.60 -23.39 66.72
C SER A 56 -32.42 -24.68 65.95
N PRO A 57 -33.48 -25.48 65.74
CA PRO A 57 -33.33 -26.70 64.93
C PRO A 57 -32.89 -26.43 63.51
N MET A 58 -33.13 -25.22 62.99
CA MET A 58 -32.74 -24.91 61.63
C MET A 58 -31.24 -25.10 61.43
N VAL A 59 -30.45 -24.74 62.45
CA VAL A 59 -29.01 -24.91 62.35
C VAL A 59 -28.65 -26.38 62.21
N GLN A 60 -29.30 -27.24 63.01
CA GLN A 60 -29.05 -28.67 62.93
C GLN A 60 -29.45 -29.21 61.56
N LYS A 61 -30.59 -28.74 61.03
CA LYS A 61 -31.01 -29.16 59.70
C LYS A 61 -29.99 -28.75 58.65
N ILE A 62 -29.47 -27.53 58.76
CA ILE A 62 -28.46 -27.04 57.82
C ILE A 62 -27.24 -27.94 57.87
N ILE A 63 -26.79 -28.27 59.09
CA ILE A 63 -25.60 -29.10 59.24
C ILE A 63 -25.85 -30.49 58.64
N GLU A 64 -27.02 -31.06 58.89
CA GLU A 64 -27.32 -32.38 58.36
C GLU A 64 -27.34 -32.36 56.83
N LYS A 65 -27.98 -31.36 56.24
CA LYS A 65 -28.01 -31.26 54.78
C LYS A 65 -26.61 -31.10 54.22
N ILE A 66 -25.78 -30.27 54.86
CA ILE A 66 -24.41 -30.08 54.38
C ILE A 66 -23.64 -31.39 54.44
N LEU A 67 -23.79 -32.15 55.53
CA LEU A 67 -23.09 -33.42 55.65
C LEU A 67 -23.56 -34.39 54.57
N ASN A 68 -24.88 -34.44 54.31
CA ASN A 68 -25.39 -35.32 53.27
C ASN A 68 -24.95 -34.85 51.89
N LYS A 69 -24.58 -33.59 51.76
CA LYS A 69 -24.15 -33.03 50.48
C LYS A 69 -23.05 -33.88 49.84
N ALA B 1 -2.73 -13.42 56.41
CA ALA B 1 -1.83 -14.30 57.16
C ALA B 1 -0.89 -15.03 56.22
N SER B 2 -1.46 -15.70 55.21
CA SER B 2 -0.69 -16.43 54.23
C SER B 2 -1.37 -16.32 52.87
N VAL B 3 -0.57 -16.51 51.82
CA VAL B 3 -1.04 -16.46 50.44
C VAL B 3 -0.73 -17.78 49.79
N VAL B 4 -1.72 -18.38 49.14
CA VAL B 4 -1.56 -19.64 48.41
C VAL B 4 -2.14 -19.47 47.02
N THR B 5 -1.39 -19.90 46.01
CA THR B 5 -1.85 -19.76 44.64
C THR B 5 -3.08 -20.63 44.38
N GLU B 6 -3.11 -21.85 44.91
CA GLU B 6 -4.20 -22.76 44.69
C GLU B 6 -4.62 -23.41 46.01
N LEU B 7 -5.89 -23.78 46.07
CA LEU B 7 -6.50 -24.33 47.29
C LEU B 7 -6.58 -25.84 47.18
N ARG B 8 -6.44 -26.53 48.32
CA ARG B 8 -6.50 -27.97 48.37
C ARG B 8 -7.34 -28.42 49.56
N CYS B 9 -7.79 -29.67 49.51
CA CYS B 9 -8.51 -30.24 50.63
C CYS B 9 -7.63 -30.21 51.87
N GLN B 10 -8.22 -29.81 53.00
CA GLN B 10 -7.46 -29.72 54.24
C GLN B 10 -7.14 -31.08 54.84
N CYS B 11 -7.73 -32.15 54.31
CA CYS B 11 -7.53 -33.50 54.83
C CYS B 11 -7.11 -34.44 53.71
N LEU B 12 -6.30 -35.43 54.05
CA LEU B 12 -5.86 -36.45 53.12
C LEU B 12 -6.46 -37.82 53.43
N GLN B 13 -6.27 -38.31 54.65
CA GLN B 13 -6.81 -39.58 55.09
C GLN B 13 -8.10 -39.30 55.88
N THR B 14 -8.82 -40.36 56.28
CA THR B 14 -10.09 -40.20 57.00
C THR B 14 -10.08 -41.10 58.22
N LEU B 15 -9.97 -40.49 59.40
CA LEU B 15 -9.98 -41.22 60.65
C LEU B 15 -11.36 -41.20 61.29
N GLN B 16 -11.60 -42.18 62.16
CA GLN B 16 -12.87 -42.31 62.88
C GLN B 16 -12.60 -42.78 64.29
N GLY B 17 -13.57 -42.53 65.17
CA GLY B 17 -13.49 -43.02 66.53
C GLY B 17 -12.84 -42.07 67.51
N ILE B 18 -13.07 -40.76 67.33
CA ILE B 18 -12.55 -39.78 68.26
C ILE B 18 -13.46 -39.71 69.49
N HIS B 19 -12.84 -39.53 70.65
CA HIS B 19 -13.56 -39.43 71.92
C HIS B 19 -13.95 -37.98 72.14
N LEU B 20 -15.25 -37.74 72.32
CA LEU B 20 -15.73 -36.39 72.54
C LEU B 20 -15.12 -35.76 73.79
N LYS B 21 -14.72 -36.58 74.76
CA LYS B 21 -14.10 -36.06 75.97
C LYS B 21 -12.81 -35.29 75.68
N ASN B 22 -12.20 -35.53 74.52
CA ASN B 22 -11.00 -34.80 74.11
C ASN B 22 -11.28 -33.69 73.12
N ILE B 23 -12.40 -33.75 72.40
CA ILE B 23 -12.70 -32.76 71.38
C ILE B 23 -13.02 -31.43 72.04
N GLN B 24 -12.41 -30.36 71.53
CA GLN B 24 -12.73 -29.01 71.99
C GLN B 24 -13.69 -28.29 71.04
N SER B 25 -13.48 -28.43 69.73
CA SER B 25 -14.35 -27.78 68.76
C SER B 25 -14.34 -28.57 67.46
N VAL B 26 -15.33 -28.28 66.62
CA VAL B 26 -15.48 -28.96 65.33
C VAL B 26 -15.81 -27.93 64.27
N ASN B 27 -15.23 -28.10 63.08
CA ASN B 27 -15.47 -27.25 61.93
C ASN B 27 -15.93 -28.12 60.77
N VAL B 28 -16.92 -27.64 60.03
CA VAL B 28 -17.49 -28.37 58.90
C VAL B 28 -17.47 -27.45 57.69
N ARG B 29 -16.89 -27.93 56.60
CA ARG B 29 -16.84 -27.18 55.35
C ARG B 29 -17.49 -28.01 54.25
N SER B 30 -18.51 -27.42 53.62
CA SER B 30 -19.20 -28.05 52.52
C SER B 30 -18.29 -28.06 51.30
N PRO B 31 -18.58 -28.89 50.30
CA PRO B 31 -17.69 -28.96 49.14
C PRO B 31 -17.82 -27.74 48.25
N GLY B 32 -16.79 -26.90 48.25
CA GLY B 32 -16.79 -25.69 47.48
C GLY B 32 -15.61 -25.65 46.52
N PRO B 33 -15.18 -24.46 46.14
CA PRO B 33 -13.98 -24.37 45.30
C PRO B 33 -12.75 -24.94 45.97
N HIS B 34 -12.74 -25.04 47.30
CA HIS B 34 -11.56 -25.58 47.98
C HIS B 34 -11.33 -27.03 47.61
N CYS B 35 -12.38 -27.86 47.64
CA CYS B 35 -12.20 -29.28 47.49
C CYS B 35 -13.53 -29.90 47.05
N ALA B 36 -13.48 -31.16 46.66
CA ALA B 36 -14.62 -31.86 46.08
C ALA B 36 -15.39 -32.69 47.09
N GLN B 37 -15.03 -32.64 48.37
CA GLN B 37 -15.70 -33.43 49.40
C GLN B 37 -15.95 -32.56 50.63
N THR B 38 -16.97 -32.94 51.39
CA THR B 38 -17.23 -32.27 52.66
C THR B 38 -16.17 -32.65 53.67
N GLU B 39 -15.62 -31.66 54.38
CA GLU B 39 -14.54 -31.89 55.31
C GLU B 39 -14.96 -31.53 56.74
N VAL B 40 -14.66 -32.42 57.68
CA VAL B 40 -14.92 -32.20 59.09
C VAL B 40 -13.58 -32.25 59.81
N ILE B 41 -13.24 -31.17 60.51
CA ILE B 41 -11.96 -31.04 61.19
C ILE B 41 -12.24 -30.76 62.66
N ALA B 42 -11.75 -31.63 63.53
CA ALA B 42 -11.98 -31.51 64.96
C ALA B 42 -10.69 -31.09 65.66
N THR B 43 -10.77 -30.02 66.43
CA THR B 43 -9.65 -29.54 67.24
C THR B 43 -9.84 -30.01 68.67
N LEU B 44 -8.86 -30.77 69.17
CA LEU B 44 -8.91 -31.34 70.50
C LEU B 44 -8.42 -30.33 71.54
N LYS B 45 -8.56 -30.72 72.82
CA LYS B 45 -8.18 -29.84 73.90
C LYS B 45 -6.67 -29.64 73.99
N ASN B 46 -5.88 -30.57 73.47
CA ASN B 46 -4.42 -30.49 73.56
C ASN B 46 -3.80 -29.75 72.39
N GLY B 47 -4.61 -29.18 71.49
CA GLY B 47 -4.12 -28.43 70.36
C GLY B 47 -3.97 -29.24 69.09
N LYS B 48 -4.08 -30.56 69.16
CA LYS B 48 -4.00 -31.38 67.96
C LYS B 48 -5.27 -31.24 67.13
N LYS B 49 -5.15 -31.52 65.84
CA LYS B 49 -6.27 -31.50 64.92
C LYS B 49 -6.44 -32.86 64.26
N ALA B 50 -7.69 -33.24 64.00
CA ALA B 50 -8.01 -34.53 63.39
C ALA B 50 -9.04 -34.34 62.29
N CYS B 51 -9.08 -35.27 61.35
CA CYS B 51 -10.01 -35.23 60.23
C CYS B 51 -11.00 -36.38 60.36
N LEU B 52 -12.28 -36.09 60.11
CA LEU B 52 -13.35 -37.06 60.29
C LEU B 52 -14.03 -37.35 58.97
N ASN B 53 -14.46 -38.60 58.80
CA ASN B 53 -15.15 -39.01 57.59
C ASN B 53 -16.58 -38.47 57.59
N PRO B 54 -16.98 -37.69 56.60
CA PRO B 54 -18.37 -37.20 56.59
C PRO B 54 -19.41 -38.32 56.55
N ALA B 55 -19.10 -39.44 55.90
CA ALA B 55 -20.07 -40.51 55.75
C ALA B 55 -20.27 -41.33 57.02
N SER B 56 -19.43 -41.15 58.02
CA SER B 56 -19.54 -41.95 59.24
C SER B 56 -20.70 -41.46 60.10
N PRO B 57 -21.69 -42.30 60.40
CA PRO B 57 -22.77 -41.86 61.30
C PRO B 57 -22.28 -41.45 62.67
N MET B 58 -21.20 -42.09 63.12
CA MET B 58 -20.62 -41.74 64.44
C MET B 58 -20.18 -40.28 64.41
N VAL B 59 -19.39 -39.89 63.40
CA VAL B 59 -18.95 -38.49 63.24
C VAL B 59 -20.24 -37.70 63.37
N GLN B 60 -21.19 -37.96 62.49
CA GLN B 60 -22.49 -37.23 62.52
C GLN B 60 -22.97 -37.20 63.95
N LYS B 61 -22.91 -38.35 64.61
CA LYS B 61 -23.41 -38.42 65.98
C LYS B 61 -22.59 -37.54 66.90
N ILE B 62 -21.27 -37.54 66.75
CA ILE B 62 -20.41 -36.70 67.58
C ILE B 62 -20.71 -35.24 67.32
N ILE B 63 -20.87 -34.86 66.06
CA ILE B 63 -21.19 -33.47 65.73
C ILE B 63 -22.50 -33.06 66.36
N GLU B 64 -23.50 -33.92 66.28
CA GLU B 64 -24.80 -33.48 66.81
C GLU B 64 -24.70 -33.39 68.33
N LYS B 65 -23.77 -34.12 68.92
CA LYS B 65 -23.76 -34.23 70.40
C LYS B 65 -23.10 -32.97 70.84
N ILE B 66 -22.17 -32.52 70.02
CA ILE B 66 -21.47 -31.26 70.32
C ILE B 66 -22.50 -30.15 70.33
N LEU B 67 -23.32 -30.11 69.29
CA LEU B 67 -24.27 -29.01 69.15
C LEU B 67 -25.15 -28.88 70.38
N LEU C 89 -4.08 -45.21 63.30
CA LEU C 89 -3.44 -44.44 62.23
C LEU C 89 -3.57 -42.95 62.50
N LEU C 90 -3.28 -42.54 63.74
CA LEU C 90 -3.44 -41.15 64.14
C LEU C 90 -2.54 -40.20 63.36
N ASP C 91 -1.63 -40.71 62.53
CA ASP C 91 -0.75 -39.84 61.76
C ASP C 91 -1.54 -38.84 60.92
N ALA C 92 -2.71 -39.23 60.45
CA ALA C 92 -3.52 -38.34 59.62
C ALA C 92 -3.92 -37.11 60.41
N ALA C 93 -3.76 -35.94 59.80
CA ALA C 93 -4.13 -34.67 60.42
C ALA C 93 -3.98 -33.56 59.38
N PRO C 94 -4.60 -32.41 59.61
CA PRO C 94 -4.53 -31.33 58.62
C PRO C 94 -3.09 -30.90 58.35
N CYS C 95 -2.82 -30.56 57.09
CA CYS C 95 -1.51 -30.04 56.69
C CYS C 95 -1.59 -28.51 56.74
N GLU C 96 -1.11 -27.93 57.83
CA GLU C 96 -1.19 -26.49 58.00
C GLU C 96 -0.32 -25.81 56.94
N PRO C 97 -0.80 -24.72 56.33
CA PRO C 97 0.04 -23.97 55.39
C PRO C 97 1.09 -23.15 56.12
N GLU C 98 2.13 -22.78 55.37
CA GLU C 98 3.25 -22.02 55.90
C GLU C 98 3.58 -20.87 54.95
N SER C 99 3.84 -19.69 55.53
CA SER C 99 4.18 -18.50 54.76
C SER C 99 5.45 -17.88 55.33
N LEU C 100 6.25 -17.29 54.45
CA LEU C 100 7.53 -16.70 54.79
C LEU C 100 7.51 -15.21 54.50
N GLU C 101 8.37 -14.46 55.20
CA GLU C 101 8.41 -13.01 55.00
C GLU C 101 9.39 -12.66 53.88
N ILE C 102 10.47 -13.43 53.74
CA ILE C 102 11.51 -13.09 52.78
C ILE C 102 10.96 -13.08 51.37
N ASN C 103 10.18 -14.10 51.02
CA ASN C 103 9.62 -14.16 49.68
C ASN C 103 8.66 -12.99 49.44
N LYS C 104 7.84 -12.67 50.44
CA LYS C 104 6.94 -11.52 50.31
C LYS C 104 7.73 -10.25 50.01
N TYR C 105 8.80 -10.01 50.77
CA TYR C 105 9.54 -8.77 50.63
C TYR C 105 10.26 -8.72 49.28
N PHE C 106 10.84 -9.83 48.84
CA PHE C 106 11.65 -9.82 47.62
C PHE C 106 10.78 -9.80 46.37
N VAL C 107 9.61 -10.44 46.41
CA VAL C 107 8.77 -10.55 45.22
C VAL C 107 8.28 -9.17 44.79
N VAL C 108 8.00 -8.30 45.75
CA VAL C 108 7.56 -6.95 45.40
C VAL C 108 8.64 -6.22 44.63
N ILE C 109 9.89 -6.30 45.11
CA ILE C 109 10.99 -5.64 44.41
C ILE C 109 11.13 -6.20 43.00
N ILE C 110 11.10 -7.53 42.88
CA ILE C 110 11.26 -8.15 41.57
C ILE C 110 10.16 -7.70 40.62
N TYR C 111 8.91 -7.70 41.09
CA TYR C 111 7.80 -7.32 40.24
C TYR C 111 7.91 -5.86 39.83
N ALA C 112 8.28 -4.98 40.76
CA ALA C 112 8.42 -3.57 40.40
C ALA C 112 9.52 -3.36 39.37
N LEU C 113 10.66 -4.02 39.54
CA LEU C 113 11.75 -3.87 38.59
C LEU C 113 11.34 -4.38 37.21
N VAL C 114 10.67 -5.52 37.15
CA VAL C 114 10.21 -6.06 35.87
C VAL C 114 9.21 -5.12 35.24
N PHE C 115 8.31 -4.57 36.05
CA PHE C 115 7.34 -3.59 35.54
C PHE C 115 8.04 -2.42 34.88
N LEU C 116 9.02 -1.84 35.57
CA LEU C 116 9.72 -0.69 35.02
C LEU C 116 10.41 -1.05 33.71
N LEU C 117 11.15 -2.16 33.69
CA LEU C 117 11.87 -2.52 32.47
C LEU C 117 10.92 -2.79 31.32
N SER C 118 9.85 -3.55 31.57
CA SER C 118 8.91 -3.86 30.50
C SER C 118 8.25 -2.59 29.97
N LEU C 119 7.83 -1.70 30.86
CA LEU C 119 7.21 -0.46 30.42
C LEU C 119 8.16 0.33 29.53
N LEU C 120 9.41 0.49 29.97
CA LEU C 120 10.37 1.26 29.19
C LEU C 120 10.60 0.63 27.83
N GLY C 121 10.82 -0.69 27.79
CA GLY C 121 11.11 -1.34 26.54
C GLY C 121 9.95 -1.27 25.56
N ASN C 122 8.75 -1.56 26.03
CA ASN C 122 7.58 -1.51 25.15
C ASN C 122 7.35 -0.09 24.65
N SER C 123 7.53 0.90 25.52
CA SER C 123 7.38 2.29 25.07
C SER C 123 8.39 2.60 23.97
N LEU C 124 9.64 2.19 24.15
CA LEU C 124 10.64 2.46 23.13
C LEU C 124 10.28 1.80 21.80
N VAL C 125 9.84 0.53 21.85
CA VAL C 125 9.53 -0.18 20.61
C VAL C 125 8.36 0.48 19.90
N MET C 126 7.31 0.81 20.64
CA MET C 126 6.14 1.45 20.03
C MET C 126 6.52 2.80 19.43
N LEU C 127 7.31 3.59 20.15
CA LEU C 127 7.74 4.88 19.63
C LEU C 127 8.51 4.69 18.33
N VAL C 128 9.45 3.76 18.30
CA VAL C 128 10.27 3.57 17.10
C VAL C 128 9.39 3.14 15.93
N ILE C 129 8.45 2.23 16.16
CA ILE C 129 7.65 1.72 15.05
C ILE C 129 6.70 2.81 14.53
N LEU C 130 6.08 3.57 15.43
CA LEU C 130 5.06 4.52 15.01
C LEU C 130 5.63 5.83 14.49
N TYR C 131 6.83 6.23 14.93
CA TYR C 131 7.31 7.57 14.58
C TYR C 131 7.49 7.74 13.08
N SER C 132 8.04 6.73 12.41
CA SER C 132 8.33 6.80 10.98
C SER C 132 7.45 5.80 10.24
N ARG C 133 6.83 6.25 9.15
CA ARG C 133 5.94 5.41 8.37
C ARG C 133 6.65 4.70 7.21
N VAL C 134 7.93 4.95 7.01
CA VAL C 134 8.68 4.29 5.95
C VAL C 134 9.16 2.93 6.45
N GLY C 135 9.14 1.94 5.56
CA GLY C 135 9.64 0.63 5.92
C GLY C 135 8.74 -0.13 6.87
N ARG C 136 7.45 0.15 6.88
CA ARG C 136 6.51 -0.55 7.76
C ARG C 136 6.30 -1.95 7.19
N SER C 137 7.25 -2.83 7.46
CA SER C 137 7.21 -4.19 6.97
C SER C 137 6.32 -5.05 7.86
N VAL C 138 6.11 -6.30 7.45
CA VAL C 138 5.22 -7.18 8.20
C VAL C 138 5.72 -7.37 9.62
N THR C 139 7.03 -7.62 9.78
CA THR C 139 7.57 -7.79 11.11
C THR C 139 7.33 -6.56 11.98
N ASP C 140 7.25 -5.37 11.37
CA ASP C 140 6.94 -4.19 12.15
C ASP C 140 5.57 -4.30 12.80
N VAL C 141 4.57 -4.74 12.04
CA VAL C 141 3.23 -4.89 12.60
C VAL C 141 3.22 -5.99 13.66
N TYR C 142 3.88 -7.10 13.39
CA TYR C 142 3.93 -8.17 14.39
C TYR C 142 4.54 -7.66 15.68
N LEU C 143 5.66 -6.94 15.59
CA LEU C 143 6.32 -6.44 16.79
C LEU C 143 5.46 -5.39 17.49
N LEU C 144 4.74 -4.58 16.74
CA LEU C 144 3.85 -3.61 17.36
C LEU C 144 2.79 -4.30 18.20
N ASN C 145 2.16 -5.33 17.65
CA ASN C 145 1.14 -6.03 18.41
C ASN C 145 1.74 -6.74 19.63
N LEU C 146 2.91 -7.35 19.46
CA LEU C 146 3.55 -7.99 20.60
C LEU C 146 3.87 -6.97 21.69
N ALA C 147 4.35 -5.79 21.29
CA ALA C 147 4.65 -4.75 22.27
C ALA C 147 3.39 -4.29 22.98
N LEU C 148 2.28 -4.15 22.26
CA LEU C 148 1.03 -3.76 22.91
C LEU C 148 0.61 -4.80 23.94
N ALA C 149 0.70 -6.08 23.59
CA ALA C 149 0.33 -7.13 24.53
C ALA C 149 1.21 -7.07 25.77
N ASP C 150 2.52 -6.93 25.57
CA ASP C 150 3.43 -6.87 26.72
C ASP C 150 3.15 -5.64 27.57
N LEU C 151 2.81 -4.52 26.93
CA LEU C 151 2.51 -3.31 27.68
C LEU C 151 1.30 -3.50 28.57
N LEU C 152 0.24 -4.12 28.03
CA LEU C 152 -0.93 -4.39 28.87
C LEU C 152 -0.58 -5.33 30.01
N PHE C 153 0.20 -6.38 29.72
CA PHE C 153 0.56 -7.33 30.76
C PHE C 153 1.33 -6.64 31.89
N ALA C 154 2.30 -5.82 31.52
CA ALA C 154 3.05 -5.07 32.54
C ALA C 154 2.14 -4.13 33.30
N LEU C 155 1.23 -3.44 32.60
CA LEU C 155 0.30 -2.55 33.27
C LEU C 155 -0.51 -3.29 34.32
N THR C 156 -0.86 -4.55 34.05
CA THR C 156 -1.61 -5.36 35.00
C THR C 156 -0.74 -5.94 36.11
N LEU C 157 0.57 -6.01 35.92
CA LEU C 157 1.41 -6.64 36.93
C LEU C 157 1.25 -6.05 38.33
N PRO C 158 1.29 -4.73 38.54
CA PRO C 158 1.35 -4.21 39.91
C PRO C 158 0.21 -4.65 40.81
N ILE C 159 -1.02 -4.72 40.30
CA ILE C 159 -2.13 -5.21 41.10
C ILE C 159 -1.88 -6.65 41.51
N TRP C 160 -1.32 -7.45 40.59
CA TRP C 160 -0.99 -8.83 40.93
C TRP C 160 0.07 -8.89 42.02
N ALA C 161 1.05 -7.99 41.96
CA ALA C 161 2.07 -7.96 43.01
C ALA C 161 1.43 -7.64 44.36
N ALA C 162 0.53 -6.66 44.39
CA ALA C 162 -0.15 -6.35 45.64
C ALA C 162 -0.94 -7.55 46.14
N SER C 163 -1.62 -8.25 45.23
CA SER C 163 -2.36 -9.44 45.62
C SER C 163 -1.44 -10.49 46.23
N LYS C 164 -0.30 -10.74 45.60
CA LYS C 164 0.67 -11.66 46.18
C LYS C 164 1.09 -11.21 47.56
N VAL C 165 1.21 -9.90 47.77
CA VAL C 165 1.63 -9.39 49.06
C VAL C 165 0.60 -9.72 50.13
N ASN C 166 -0.63 -9.22 49.96
CA ASN C 166 -1.61 -9.25 51.04
C ASN C 166 -2.85 -10.07 50.72
N GLY C 167 -2.91 -10.75 49.58
CA GLY C 167 -4.12 -11.41 49.15
C GLY C 167 -5.08 -10.45 48.49
N TRP C 168 -6.03 -11.02 47.75
CA TRP C 168 -6.94 -10.21 46.94
C TRP C 168 -7.97 -9.55 47.85
N ILE C 169 -7.68 -8.32 48.27
CA ILE C 169 -8.62 -7.54 49.06
C ILE C 169 -9.45 -6.60 48.20
N PHE C 170 -9.34 -6.69 46.88
CA PHE C 170 -9.83 -5.65 45.99
C PHE C 170 -11.19 -5.96 45.38
N GLY C 171 -11.93 -6.92 45.90
CA GLY C 171 -13.28 -7.18 45.46
C GLY C 171 -13.32 -8.18 44.31
N THR C 172 -14.52 -8.30 43.74
CA THR C 172 -14.75 -9.29 42.69
C THR C 172 -14.61 -8.68 41.30
N PHE C 173 -15.16 -7.49 41.10
CA PHE C 173 -15.13 -6.87 39.77
C PHE C 173 -13.70 -6.75 39.26
N LEU C 174 -12.80 -6.25 40.09
CA LEU C 174 -11.41 -6.14 39.68
C LEU C 174 -10.78 -7.50 39.46
N CYS C 175 -11.11 -8.49 40.29
CA CYS C 175 -10.62 -9.84 40.01
C CYS C 175 -10.98 -10.25 38.59
N LYS C 176 -12.25 -10.12 38.22
CA LYS C 176 -12.66 -10.52 36.88
C LYS C 176 -11.91 -9.74 35.82
N VAL C 177 -11.91 -8.41 35.93
CA VAL C 177 -11.32 -7.59 34.86
C VAL C 177 -9.84 -7.89 34.70
N VAL C 178 -9.10 -7.90 35.82
CA VAL C 178 -7.65 -8.05 35.74
C VAL C 178 -7.29 -9.45 35.28
N SER C 179 -7.99 -10.49 35.76
CA SER C 179 -7.70 -11.82 35.26
C SER C 179 -7.97 -11.91 33.77
N LEU C 180 -9.07 -11.33 33.32
CA LEU C 180 -9.35 -11.31 31.88
C LEU C 180 -8.20 -10.68 31.12
N LEU C 181 -7.78 -9.48 31.54
CA LEU C 181 -6.73 -8.78 30.81
C LEU C 181 -5.43 -9.57 30.81
N LYS C 182 -5.03 -10.09 31.96
CA LYS C 182 -3.79 -10.84 32.05
C LYS C 182 -3.82 -12.04 31.11
N GLU C 183 -4.88 -12.85 31.19
CA GLU C 183 -4.90 -14.07 30.40
C GLU C 183 -4.98 -13.76 28.91
N VAL C 184 -5.79 -12.76 28.53
CA VAL C 184 -5.89 -12.39 27.13
C VAL C 184 -4.53 -11.99 26.59
N ASN C 185 -3.83 -11.11 27.30
CA ASN C 185 -2.55 -10.65 26.80
C ASN C 185 -1.53 -11.79 26.75
N PHE C 186 -1.55 -12.69 27.74
CA PHE C 186 -0.63 -13.82 27.72
C PHE C 186 -0.87 -14.70 26.49
N TYR C 187 -2.12 -15.07 26.23
CA TYR C 187 -2.42 -15.91 25.08
C TYR C 187 -2.02 -15.21 23.79
N SER C 188 -2.32 -13.92 23.68
CA SER C 188 -1.98 -13.18 22.47
C SER C 188 -0.48 -13.10 22.27
N GLY C 189 0.28 -12.90 23.35
CA GLY C 189 1.72 -12.88 23.21
C GLY C 189 2.28 -14.19 22.70
N ILE C 190 1.81 -15.30 23.26
CA ILE C 190 2.31 -16.60 22.80
C ILE C 190 1.96 -16.81 21.33
N LEU C 191 0.70 -16.57 20.96
CA LEU C 191 0.31 -16.83 19.59
C LEU C 191 1.01 -15.87 18.62
N LEU C 192 1.35 -14.66 19.08
CA LEU C 192 2.10 -13.77 18.22
C LEU C 192 3.53 -14.25 18.03
N LEU C 193 4.15 -14.82 19.05
CA LEU C 193 5.45 -15.44 18.84
C LEU C 193 5.35 -16.55 17.82
N ALA C 194 4.31 -17.38 17.91
CA ALA C 194 4.14 -18.45 16.93
C ALA C 194 3.96 -17.88 15.53
N CYS C 195 3.18 -16.80 15.40
CA CYS C 195 2.97 -16.20 14.09
C CYS C 195 4.26 -15.62 13.52
N ILE C 196 5.08 -14.98 14.36
CA ILE C 196 6.36 -14.48 13.87
C ILE C 196 7.23 -15.63 13.40
N SER C 197 7.20 -16.75 14.11
CA SER C 197 7.95 -17.91 13.65
C SER C 197 7.46 -18.37 12.28
N VAL C 198 6.14 -18.42 12.10
CA VAL C 198 5.60 -18.83 10.81
C VAL C 198 6.04 -17.88 9.71
N ASP C 199 6.05 -16.57 10.01
CA ASP C 199 6.46 -15.60 9.02
C ASP C 199 7.92 -15.79 8.62
N ARG C 200 8.79 -16.02 9.61
CA ARG C 200 10.20 -16.24 9.28
C ARG C 200 10.36 -17.50 8.44
N TYR C 201 9.64 -18.57 8.78
CA TYR C 201 9.73 -19.79 7.98
C TYR C 201 9.28 -19.54 6.55
N LEU C 202 8.19 -18.80 6.36
CA LEU C 202 7.74 -18.51 5.01
C LEU C 202 8.74 -17.64 4.26
N ALA C 203 9.41 -16.73 4.96
CA ALA C 203 10.28 -15.78 4.28
C ALA C 203 11.67 -16.32 4.01
N ILE C 204 12.07 -17.43 4.66
CA ILE C 204 13.42 -17.95 4.43
C ILE C 204 13.37 -19.23 3.59
N VAL C 205 12.72 -20.28 4.11
CA VAL C 205 12.73 -21.56 3.42
C VAL C 205 12.05 -21.46 2.06
N HIS C 206 10.88 -20.82 2.01
CA HIS C 206 10.10 -20.69 0.79
C HIS C 206 10.33 -19.35 0.11
N ALA C 207 11.56 -18.83 0.20
CA ALA C 207 11.83 -17.52 -0.36
C ALA C 207 11.57 -17.48 -1.86
N THR C 208 11.94 -18.53 -2.57
CA THR C 208 11.84 -18.54 -4.02
C THR C 208 10.46 -18.95 -4.53
N ARG C 209 9.65 -19.62 -3.71
CA ARG C 209 8.40 -20.19 -4.19
C ARG C 209 7.30 -19.12 -4.18
N THR C 210 6.10 -19.51 -4.59
CA THR C 210 4.97 -18.60 -4.69
C THR C 210 4.16 -18.50 -3.40
N LEU C 211 4.45 -19.35 -2.40
CA LEU C 211 3.68 -19.31 -1.16
C LEU C 211 4.01 -18.10 -0.30
N THR C 212 5.24 -17.58 -0.41
CA THR C 212 5.66 -16.49 0.46
C THR C 212 4.73 -15.29 0.38
N GLN C 213 4.11 -15.05 -0.75
CA GLN C 213 3.21 -13.91 -0.90
C GLN C 213 2.05 -13.94 0.08
N LYS C 214 1.84 -15.05 0.78
CA LYS C 214 0.81 -15.13 1.81
C LYS C 214 1.25 -14.52 3.13
N ARG C 215 2.38 -13.82 3.16
CA ARG C 215 2.86 -13.15 4.36
C ARG C 215 2.45 -11.68 4.42
N TYR C 216 1.61 -11.22 3.48
CA TYR C 216 1.10 -9.86 3.49
C TYR C 216 -0.30 -9.77 4.08
N LEU C 217 -0.69 -10.73 4.92
CA LEU C 217 -1.98 -10.71 5.62
C LEU C 217 -1.81 -10.42 7.10
N VAL C 218 -0.87 -9.54 7.45
CA VAL C 218 -0.60 -9.27 8.86
C VAL C 218 -1.85 -8.78 9.56
N LYS C 219 -2.62 -7.91 8.90
CA LYS C 219 -3.77 -7.31 9.55
C LYS C 219 -4.79 -8.36 9.96
N PHE C 220 -5.21 -9.20 9.03
CA PHE C 220 -6.25 -10.18 9.34
C PHE C 220 -5.72 -11.25 10.28
N ILE C 221 -4.46 -11.66 10.12
CA ILE C 221 -3.90 -12.66 11.03
C ILE C 221 -3.87 -12.11 12.45
N CYS C 222 -3.42 -10.86 12.62
CA CYS C 222 -3.37 -10.28 13.96
C CYS C 222 -4.77 -10.14 14.55
N LEU C 223 -5.74 -9.72 13.75
CA LEU C 223 -7.10 -9.63 14.25
C LEU C 223 -7.60 -11.00 14.68
N SER C 224 -7.33 -12.03 13.88
CA SER C 224 -7.74 -13.39 14.24
C SER C 224 -7.10 -13.83 15.54
N ILE C 225 -5.81 -13.53 15.71
CA ILE C 225 -5.12 -13.93 16.94
C ILE C 225 -5.75 -13.25 18.15
N TRP C 226 -6.02 -11.95 18.05
CA TRP C 226 -6.63 -11.25 19.19
C TRP C 226 -8.01 -11.80 19.49
N GLY C 227 -8.79 -12.09 18.44
CA GLY C 227 -10.11 -12.66 18.66
C GLY C 227 -10.03 -14.04 19.31
N LEU C 228 -9.08 -14.86 18.88
CA LEU C 228 -8.91 -16.18 19.48
C LEU C 228 -8.50 -16.07 20.94
N SER C 229 -7.63 -15.10 21.26
CA SER C 229 -7.26 -14.88 22.66
C SER C 229 -8.48 -14.50 23.48
N LEU C 230 -9.30 -13.58 22.97
CA LEU C 230 -10.49 -13.17 23.72
C LEU C 230 -11.44 -14.36 23.90
N LEU C 231 -11.58 -15.18 22.87
CA LEU C 231 -12.42 -16.36 23.00
C LEU C 231 -11.88 -17.33 24.05
N LEU C 232 -10.58 -17.55 24.05
CA LEU C 232 -9.97 -18.48 25.01
C LEU C 232 -10.01 -17.98 26.44
N ALA C 233 -10.06 -16.67 26.65
CA ALA C 233 -10.03 -16.10 27.99
C ALA C 233 -11.38 -16.11 28.68
N LEU C 234 -12.44 -16.55 28.00
CA LEU C 234 -13.78 -16.46 28.56
C LEU C 234 -13.90 -17.18 29.90
N PRO C 235 -13.38 -18.41 30.03
CA PRO C 235 -13.59 -19.14 31.29
C PRO C 235 -13.14 -18.35 32.50
N VAL C 236 -12.07 -17.58 32.37
CA VAL C 236 -11.61 -16.74 33.48
C VAL C 236 -12.69 -15.74 33.86
N LEU C 237 -13.30 -15.10 32.87
CA LEU C 237 -14.32 -14.10 33.16
C LEU C 237 -15.58 -14.74 33.74
N LEU C 238 -15.94 -15.93 33.26
CA LEU C 238 -17.21 -16.52 33.67
C LEU C 238 -17.16 -17.09 35.07
N PHE C 239 -16.03 -17.67 35.48
CA PHE C 239 -15.97 -18.40 36.74
C PHE C 239 -14.86 -17.94 37.67
N ARG C 240 -14.71 -16.63 37.89
CA ARG C 240 -13.69 -16.13 38.81
C ARG C 240 -14.34 -15.23 39.85
N ARG C 241 -13.95 -15.42 41.10
CA ARG C 241 -14.41 -14.57 42.20
C ARG C 241 -13.45 -14.72 43.36
N THR C 242 -13.66 -13.90 44.38
CA THR C 242 -12.89 -14.04 45.61
C THR C 242 -13.38 -15.25 46.39
N VAL C 243 -12.45 -15.96 47.02
CA VAL C 243 -12.78 -17.10 47.86
C VAL C 243 -12.24 -16.83 49.26
N TYR C 244 -13.15 -16.82 50.25
CA TYR C 244 -12.79 -16.57 51.63
C TYR C 244 -12.59 -17.90 52.35
N SER C 245 -11.42 -18.10 52.92
CA SER C 245 -11.09 -19.32 53.65
C SER C 245 -10.50 -18.95 55.01
N SER C 246 -10.42 -19.94 55.89
CA SER C 246 -9.89 -19.74 57.23
C SER C 246 -8.38 -19.88 57.30
N ASN C 247 -7.82 -20.88 56.62
CA ASN C 247 -6.38 -21.08 56.66
C ASN C 247 -5.65 -20.03 55.84
N VAL C 248 -6.23 -19.61 54.72
CA VAL C 248 -5.54 -18.78 53.75
C VAL C 248 -6.30 -17.48 53.55
N SER C 249 -5.57 -16.45 53.13
CA SER C 249 -6.15 -15.16 52.85
C SER C 249 -6.96 -15.21 51.56
N PRO C 250 -7.84 -14.24 51.33
CA PRO C 250 -8.70 -14.29 50.15
C PRO C 250 -7.89 -14.33 48.86
N ALA C 251 -8.39 -15.09 47.90
CA ALA C 251 -7.72 -15.25 46.63
C ALA C 251 -8.74 -15.16 45.50
N CYS C 252 -8.30 -14.60 44.37
CA CYS C 252 -9.15 -14.44 43.19
C CYS C 252 -9.13 -15.75 42.40
N TYR C 253 -9.89 -16.71 42.92
CA TYR C 253 -9.92 -18.07 42.43
C TYR C 253 -11.10 -18.27 41.49
N GLU C 254 -11.36 -19.52 41.13
CA GLU C 254 -12.50 -19.88 40.29
C GLU C 254 -13.54 -20.63 41.10
N ASP C 255 -14.81 -20.37 40.79
CA ASP C 255 -15.94 -20.92 41.54
C ASP C 255 -16.93 -21.53 40.54
N MET C 256 -16.71 -22.80 40.20
CA MET C 256 -17.54 -23.49 39.23
C MET C 256 -18.61 -24.38 39.86
N GLY C 257 -18.72 -24.39 41.18
CA GLY C 257 -19.77 -25.13 41.85
C GLY C 257 -19.21 -26.29 42.66
N ASN C 258 -20.04 -27.32 42.84
CA ASN C 258 -19.70 -28.42 43.74
C ASN C 258 -18.44 -29.13 43.28
N ASN C 259 -18.30 -29.39 41.99
CA ASN C 259 -17.16 -30.12 41.43
C ASN C 259 -16.14 -29.17 40.82
N THR C 260 -15.91 -28.02 41.48
CA THR C 260 -15.04 -27.00 40.90
C THR C 260 -13.62 -27.51 40.68
N ALA C 261 -13.12 -28.40 41.54
CA ALA C 261 -11.74 -28.84 41.39
C ALA C 261 -11.54 -29.57 40.07
N ASN C 262 -12.40 -30.53 39.76
CA ASN C 262 -12.25 -31.28 38.52
C ASN C 262 -12.41 -30.37 37.31
N TRP C 263 -13.37 -29.46 37.34
CA TRP C 263 -13.57 -28.57 36.21
C TRP C 263 -12.38 -27.64 36.03
N ARG C 264 -11.77 -27.19 37.12
CA ARG C 264 -10.57 -26.39 37.02
C ARG C 264 -9.44 -27.18 36.38
N MET C 265 -9.29 -28.44 36.79
CA MET C 265 -8.25 -29.28 36.18
C MET C 265 -8.50 -29.42 34.68
N LEU C 266 -9.75 -29.64 34.28
CA LEU C 266 -10.05 -29.77 32.86
C LEU C 266 -9.78 -28.47 32.11
N LEU C 267 -10.15 -27.34 32.69
CA LEU C 267 -9.90 -26.05 32.04
C LEU C 267 -8.41 -25.76 31.94
N ARG C 268 -7.59 -26.34 32.81
CA ARG C 268 -6.16 -26.10 32.70
C ARG C 268 -5.58 -26.67 31.42
N ILE C 269 -6.32 -27.49 30.69
CA ILE C 269 -5.80 -28.06 29.45
C ILE C 269 -5.57 -26.96 28.42
N LEU C 270 -6.43 -25.94 28.40
CA LEU C 270 -6.30 -24.89 27.40
C LEU C 270 -4.99 -24.13 27.53
N PRO C 271 -4.61 -23.61 28.71
CA PRO C 271 -3.32 -22.89 28.78
C PRO C 271 -2.12 -23.75 28.41
N GLN C 272 -2.17 -25.06 28.65
CA GLN C 272 -1.04 -25.93 28.38
C GLN C 272 -1.06 -26.54 26.98
N SER C 273 -2.11 -26.31 26.20
CA SER C 273 -2.18 -26.83 24.83
C SER C 273 -2.14 -25.72 23.80
N PHE C 274 -3.08 -24.78 23.87
CA PHE C 274 -3.05 -23.59 23.02
C PHE C 274 -2.03 -22.57 23.50
N GLY C 275 -1.40 -22.80 24.65
CA GLY C 275 -0.45 -21.85 25.20
C GLY C 275 0.98 -22.34 25.23
N PHE C 276 1.18 -23.65 25.38
CA PHE C 276 2.55 -24.18 25.36
C PHE C 276 2.82 -25.16 24.24
N ILE C 277 2.03 -26.23 24.12
CA ILE C 277 2.42 -27.34 23.27
C ILE C 277 2.27 -26.98 21.80
N VAL C 278 1.12 -26.42 21.41
CA VAL C 278 0.92 -26.07 20.00
C VAL C 278 1.90 -25.00 19.54
N PRO C 279 2.04 -23.86 20.22
CA PRO C 279 3.07 -22.89 19.79
C PRO C 279 4.46 -23.47 19.84
N LEU C 280 4.78 -24.32 20.82
CA LEU C 280 6.11 -24.92 20.85
C LEU C 280 6.35 -25.78 19.62
N LEU C 281 5.38 -26.60 19.24
CA LEU C 281 5.55 -27.43 18.06
C LEU C 281 5.73 -26.57 16.82
N ILE C 282 4.91 -25.53 16.67
CA ILE C 282 5.03 -24.69 15.49
C ILE C 282 6.39 -24.01 15.44
N MET C 283 6.84 -23.46 16.57
CA MET C 283 8.14 -22.80 16.59
C MET C 283 9.26 -23.78 16.29
N LEU C 284 9.23 -24.96 16.90
CA LEU C 284 10.27 -25.93 16.65
C LEU C 284 10.33 -26.32 15.19
N PHE C 285 9.18 -26.62 14.58
CA PHE C 285 9.16 -27.00 13.17
C PHE C 285 9.73 -25.87 12.30
N CYS C 286 9.17 -24.66 12.46
CA CYS C 286 9.58 -23.56 11.60
C CYS C 286 11.06 -23.26 11.74
N TYR C 287 11.55 -23.15 12.97
CA TYR C 287 12.96 -22.79 13.15
C TYR C 287 13.88 -23.93 12.80
N GLY C 288 13.44 -25.18 12.95
CA GLY C 288 14.26 -26.28 12.50
C GLY C 288 14.49 -26.25 11.00
N PHE C 289 13.42 -26.04 10.24
CA PHE C 289 13.61 -25.95 8.79
C PHE C 289 14.35 -24.69 8.39
N THR C 290 14.15 -23.58 9.10
CA THR C 290 14.92 -22.37 8.82
C THR C 290 16.40 -22.62 9.03
N LEU C 291 16.76 -23.27 10.12
CA LEU C 291 18.16 -23.60 10.36
C LEU C 291 18.69 -24.52 9.28
N ARG C 292 17.90 -25.52 8.89
CA ARG C 292 18.36 -26.45 7.86
C ARG C 292 18.69 -25.70 6.57
N THR C 293 17.83 -24.78 6.16
CA THR C 293 18.08 -24.08 4.91
C THR C 293 19.20 -23.06 5.05
N LEU C 294 19.33 -22.42 6.21
CA LEU C 294 20.40 -21.46 6.40
C LEU C 294 21.77 -22.13 6.40
N PHE C 295 21.94 -23.24 7.09
CA PHE C 295 23.25 -23.87 7.22
C PHE C 295 23.85 -24.26 5.88
N LYS C 296 23.02 -24.46 4.85
CA LYS C 296 23.46 -24.95 3.56
C LYS C 296 23.86 -23.84 2.59
N ALA C 297 23.60 -22.59 2.93
CA ALA C 297 23.92 -21.46 2.06
C ALA C 297 25.31 -20.91 2.37
N HIS C 298 25.68 -19.85 1.65
CA HIS C 298 26.97 -19.20 1.81
C HIS C 298 26.86 -17.72 2.14
N MET C 299 25.76 -17.30 2.78
CA MET C 299 25.57 -15.89 3.07
C MET C 299 26.58 -15.43 4.13
N GLY C 300 26.84 -14.12 4.13
CA GLY C 300 27.80 -13.55 5.05
C GLY C 300 27.33 -13.52 6.49
N GLN C 301 26.05 -13.24 6.71
CA GLN C 301 25.50 -13.08 8.05
C GLN C 301 24.72 -14.30 8.52
N LYS C 302 24.99 -15.47 7.95
CA LYS C 302 24.23 -16.66 8.34
C LYS C 302 24.44 -17.00 9.80
N HIS C 303 25.69 -16.90 10.28
CA HIS C 303 26.00 -17.33 11.63
C HIS C 303 25.24 -16.51 12.67
N ARG C 304 25.19 -15.19 12.48
CA ARG C 304 24.46 -14.35 13.43
C ARG C 304 22.98 -14.70 13.45
N ALA C 305 22.40 -14.96 12.29
CA ALA C 305 20.99 -15.36 12.25
C ALA C 305 20.77 -16.68 12.98
N MET C 306 21.66 -17.65 12.79
CA MET C 306 21.51 -18.92 13.48
C MET C 306 21.59 -18.72 15.00
N ARG C 307 22.54 -17.89 15.45
CA ARG C 307 22.64 -17.63 16.88
C ARG C 307 21.39 -16.94 17.41
N VAL C 308 20.84 -16.00 16.65
CA VAL C 308 19.64 -15.31 17.10
C VAL C 308 18.48 -16.28 17.24
N ILE C 309 18.35 -17.20 16.27
CA ILE C 309 17.25 -18.17 16.34
C ILE C 309 17.43 -19.07 17.55
N PHE C 310 18.65 -19.56 17.79
CA PHE C 310 18.88 -20.36 18.98
C PHE C 310 18.54 -19.58 20.23
N ALA C 311 18.91 -18.30 20.29
CA ALA C 311 18.63 -17.50 21.46
C ALA C 311 17.13 -17.36 21.69
N VAL C 312 16.37 -17.12 20.63
CA VAL C 312 14.92 -16.96 20.77
C VAL C 312 14.31 -18.24 21.31
N VAL C 313 14.68 -19.38 20.72
CA VAL C 313 14.07 -20.64 21.15
C VAL C 313 14.44 -20.93 22.60
N LEU C 314 15.71 -20.76 22.96
CA LEU C 314 16.10 -21.05 24.33
C LEU C 314 15.44 -20.10 25.33
N ILE C 315 15.30 -18.82 24.97
CA ILE C 315 14.64 -17.89 25.87
C ILE C 315 13.20 -18.29 26.08
N PHE C 316 12.48 -18.64 25.00
CA PHE C 316 11.10 -19.08 25.17
C PHE C 316 11.02 -20.30 26.08
N LEU C 317 11.86 -21.29 25.83
CA LEU C 317 11.81 -22.49 26.65
C LEU C 317 12.10 -22.17 28.12
N LEU C 318 13.20 -21.49 28.39
CA LEU C 318 13.55 -21.19 29.77
C LEU C 318 12.46 -20.37 30.45
N CYS C 319 11.78 -19.50 29.70
CA CYS C 319 10.77 -18.64 30.32
C CYS C 319 9.49 -19.40 30.65
N TRP C 320 9.07 -20.32 29.79
CA TRP C 320 7.75 -20.93 29.96
C TRP C 320 7.76 -22.38 30.41
N LEU C 321 8.71 -23.20 29.95
CA LEU C 321 8.66 -24.63 30.26
C LEU C 321 8.60 -24.93 31.74
N PRO C 322 9.36 -24.26 32.62
CA PRO C 322 9.29 -24.63 34.04
C PRO C 322 7.90 -24.51 34.63
N TYR C 323 7.21 -23.41 34.34
CA TYR C 323 5.87 -23.23 34.89
C TYR C 323 4.93 -24.31 34.39
N ASN C 324 5.00 -24.63 33.10
CA ASN C 324 4.13 -25.68 32.56
C ASN C 324 4.44 -27.03 33.17
N LEU C 325 5.72 -27.36 33.36
CA LEU C 325 6.06 -28.64 33.97
C LEU C 325 5.54 -28.71 35.40
N VAL C 326 5.69 -27.63 36.16
CA VAL C 326 5.20 -27.64 37.54
C VAL C 326 3.69 -27.76 37.56
N LEU C 327 3.00 -27.08 36.64
CA LEU C 327 1.54 -27.20 36.57
C LEU C 327 1.12 -28.62 36.23
N LEU C 328 1.88 -29.29 35.37
CA LEU C 328 1.56 -30.72 35.14
C LEU C 328 1.88 -31.41 36.43
N ALA C 329 3.13 -31.32 36.84
CA ALA C 329 3.53 -31.97 38.11
C ALA C 329 2.35 -31.91 39.05
N ASP C 330 1.76 -30.74 39.17
CA ASP C 330 0.63 -30.50 40.06
C ASP C 330 -0.61 -31.25 39.59
N THR C 331 -0.87 -31.24 38.28
CA THR C 331 -2.02 -31.97 37.76
C THR C 331 -1.89 -33.46 38.05
N LEU C 332 -0.70 -34.02 37.82
CA LEU C 332 -0.51 -35.44 38.09
C LEU C 332 -0.70 -35.74 39.57
N MET C 333 -0.18 -34.88 40.44
CA MET C 333 -0.34 -35.11 41.88
C MET C 333 -1.82 -35.09 42.26
N ARG C 334 -2.58 -34.13 41.73
CA ARG C 334 -4.02 -34.11 41.98
C ARG C 334 -4.70 -35.35 41.41
N THR C 335 -4.12 -35.90 40.34
CA THR C 335 -4.77 -37.08 39.71
C THR C 335 -4.27 -38.32 40.41
N GLN C 336 -3.73 -38.16 41.60
CA GLN C 336 -3.19 -39.26 42.41
C GLN C 336 -2.16 -40.09 41.64
N VAL C 337 -1.71 -39.64 40.48
CA VAL C 337 -0.67 -40.38 39.76
C VAL C 337 0.61 -40.40 40.58
N ILE C 338 0.98 -39.27 41.16
CA ILE C 338 2.12 -39.19 42.07
C ILE C 338 1.58 -39.09 43.49
N GLN C 339 2.30 -39.71 44.43
CA GLN C 339 1.87 -39.69 45.82
C GLN C 339 1.75 -38.25 46.32
N GLU C 340 0.71 -38.00 47.10
CA GLU C 340 0.43 -36.67 47.63
C GLU C 340 0.79 -36.61 49.12
N THR C 341 1.53 -35.58 49.50
CA THR C 341 1.92 -35.38 50.89
C THR C 341 2.06 -33.89 51.15
N CYS C 342 2.00 -33.53 52.44
CA CYS C 342 2.05 -32.12 52.82
C CYS C 342 3.37 -31.48 52.36
N GLU C 343 4.48 -32.19 52.55
CA GLU C 343 5.76 -31.65 52.10
C GLU C 343 5.76 -31.43 50.59
N ARG C 344 5.21 -32.40 49.84
CA ARG C 344 5.09 -32.22 48.40
C ARG C 344 4.20 -31.04 48.07
N ARG C 345 3.12 -30.85 48.83
CA ARG C 345 2.24 -29.71 48.58
C ARG C 345 2.98 -28.40 48.73
N ASN C 346 3.73 -28.26 49.83
CA ASN C 346 4.48 -27.02 50.03
C ASN C 346 5.52 -26.82 48.95
N HIS C 347 6.24 -27.90 48.59
CA HIS C 347 7.26 -27.77 47.55
C HIS C 347 6.65 -27.33 46.24
N ILE C 348 5.52 -27.92 45.86
CA ILE C 348 4.90 -27.58 44.59
C ILE C 348 4.35 -26.16 44.63
N ASP C 349 3.81 -25.72 45.77
CA ASP C 349 3.33 -24.34 45.86
C ASP C 349 4.48 -23.37 45.67
N ARG C 350 5.61 -23.61 46.35
CA ARG C 350 6.76 -22.73 46.18
C ARG C 350 7.25 -22.75 44.73
N ALA C 351 7.29 -23.94 44.12
CA ALA C 351 7.73 -24.02 42.74
C ALA C 351 6.80 -23.26 41.81
N LEU C 352 5.49 -23.37 42.03
CA LEU C 352 4.55 -22.61 41.21
C LEU C 352 4.81 -21.12 41.31
N ASP C 353 4.96 -20.61 42.55
CA ASP C 353 5.18 -19.18 42.70
C ASP C 353 6.49 -18.75 42.03
N ALA C 354 7.56 -19.52 42.25
CA ALA C 354 8.85 -19.16 41.67
C ALA C 354 8.81 -19.18 40.16
N THR C 355 8.17 -20.21 39.57
CA THR C 355 8.11 -20.29 38.12
C THR C 355 7.22 -19.20 37.54
N GLU C 356 6.17 -18.79 38.25
CA GLU C 356 5.40 -17.64 37.78
C GLU C 356 6.26 -16.39 37.77
N ILE C 357 7.05 -16.18 38.82
CA ILE C 357 7.97 -15.04 38.85
C ILE C 357 8.91 -15.11 37.65
N LEU C 358 9.48 -16.28 37.40
CA LEU C 358 10.43 -16.42 36.30
C LEU C 358 9.77 -16.15 34.96
N GLY C 359 8.58 -16.73 34.73
CA GLY C 359 7.92 -16.58 33.46
C GLY C 359 7.42 -15.18 33.20
N ILE C 360 7.22 -14.40 34.26
CA ILE C 360 6.87 -13.00 34.06
C ILE C 360 7.96 -12.23 33.34
N LEU C 361 9.19 -12.73 33.33
CA LEU C 361 10.29 -12.02 32.68
C LEU C 361 10.11 -11.91 31.17
N HIS C 362 9.20 -12.68 30.58
CA HIS C 362 9.09 -12.70 29.13
C HIS C 362 8.67 -11.33 28.60
N SER C 363 7.77 -10.65 29.29
CA SER C 363 7.32 -9.34 28.83
C SER C 363 8.49 -8.36 28.78
N CYS C 364 9.35 -8.38 29.81
CA CYS C 364 10.49 -7.47 29.83
C CYS C 364 11.51 -7.86 28.76
N LEU C 365 11.73 -9.16 28.57
CA LEU C 365 12.81 -9.60 27.69
C LEU C 365 12.44 -9.51 26.21
N ASN C 366 11.15 -9.58 25.86
CA ASN C 366 10.77 -9.63 24.45
C ASN C 366 11.33 -8.47 23.66
N PRO C 367 11.25 -7.22 24.10
CA PRO C 367 11.77 -6.11 23.30
C PRO C 367 13.24 -6.31 22.91
N LEU C 368 14.04 -6.87 23.81
CA LEU C 368 15.44 -7.10 23.51
C LEU C 368 15.64 -8.24 22.50
N ILE C 369 14.97 -9.37 22.71
CA ILE C 369 15.26 -10.55 21.91
C ILE C 369 14.75 -10.38 20.48
N TYR C 370 13.54 -9.87 20.31
CA TYR C 370 12.93 -9.81 19.00
C TYR C 370 13.22 -8.51 18.24
N ALA C 371 13.15 -7.37 18.91
CA ALA C 371 13.20 -6.08 18.24
C ALA C 371 14.57 -5.42 18.31
N PHE C 372 15.08 -5.16 19.51
CA PHE C 372 16.31 -4.37 19.62
C PHE C 372 17.53 -5.10 19.08
N ILE C 373 17.43 -6.42 18.83
CA ILE C 373 18.55 -7.17 18.30
C ILE C 373 18.66 -6.92 16.80
N GLY C 374 17.77 -6.09 16.27
CA GLY C 374 17.78 -5.75 14.86
C GLY C 374 18.50 -4.44 14.62
N GLN C 375 19.08 -4.32 13.42
CA GLN C 375 19.78 -3.10 13.06
C GLN C 375 18.80 -1.96 12.81
N LYS C 376 17.67 -2.26 12.15
CA LYS C 376 16.75 -1.21 11.76
C LYS C 376 16.17 -0.48 12.97
N PHE C 377 15.75 -1.23 13.99
CA PHE C 377 15.18 -0.59 15.17
C PHE C 377 16.20 0.29 15.87
N ARG C 378 17.44 -0.20 16.01
CA ARG C 378 18.46 0.59 16.67
C ARG C 378 18.75 1.87 15.90
N HIS C 379 18.88 1.76 14.57
CA HIS C 379 19.14 2.95 13.78
C HIS C 379 17.99 3.95 13.91
N GLY C 380 16.75 3.45 13.87
CA GLY C 380 15.62 4.34 14.01
C GLY C 380 15.57 5.02 15.37
N LEU C 381 15.84 4.27 16.43
CA LEU C 381 15.84 4.86 17.76
C LEU C 381 16.91 5.93 17.89
N LEU C 382 18.10 5.65 17.34
CA LEU C 382 19.15 6.67 17.36
C LEU C 382 18.71 7.91 16.59
N LYS C 383 18.04 7.72 15.46
CA LYS C 383 17.56 8.85 14.67
C LYS C 383 16.55 9.69 15.45
N ILE C 384 15.62 9.02 16.15
CA ILE C 384 14.52 9.73 16.79
C ILE C 384 15.02 10.65 17.89
N LEU C 385 16.28 10.49 18.30
CA LEU C 385 16.82 11.29 19.38
C LEU C 385 17.03 12.75 18.94
N ALA C 386 16.86 13.01 17.64
CA ALA C 386 16.94 14.37 17.13
C ALA C 386 15.81 15.22 17.70
N THR D 16 -21.36 8.42 -7.22
CA THR D 16 -21.89 7.12 -7.61
C THR D 16 -23.40 7.08 -7.47
N LEU D 17 -24.03 8.25 -7.48
CA LEU D 17 -25.48 8.36 -7.34
C LEU D 17 -26.20 8.14 -8.66
N SER D 18 -25.72 8.81 -9.71
CA SER D 18 -26.39 8.72 -11.02
C SER D 18 -26.18 7.34 -11.62
N ALA D 19 -27.04 7.01 -12.58
CA ALA D 19 -26.94 5.72 -13.27
C ALA D 19 -25.66 5.64 -14.09
N GLU D 20 -25.30 6.72 -14.78
CA GLU D 20 -24.07 6.73 -15.55
C GLU D 20 -22.84 6.66 -14.65
N GLU D 21 -22.88 7.36 -13.51
CA GLU D 21 -21.73 7.33 -12.60
C GLU D 21 -21.60 5.98 -11.90
N ARG D 22 -22.70 5.24 -11.76
CA ARG D 22 -22.61 3.89 -11.21
C ARG D 22 -21.82 2.96 -12.14
N ALA D 23 -22.04 3.09 -13.44
CA ALA D 23 -21.29 2.28 -14.40
C ALA D 23 -19.84 2.74 -14.52
N ALA D 24 -19.59 4.04 -14.34
CA ALA D 24 -18.22 4.53 -14.33
C ALA D 24 -17.43 3.96 -13.16
N LEU D 25 -18.06 3.85 -12.00
CA LEU D 25 -17.41 3.20 -10.86
C LEU D 25 -17.19 1.72 -11.13
N GLU D 26 -18.13 1.07 -11.83
CA GLU D 26 -17.94 -0.33 -12.18
C GLU D 26 -16.78 -0.50 -13.16
N ARG D 27 -16.62 0.45 -14.08
CA ARG D 27 -15.48 0.41 -15.00
C ARG D 27 -14.16 0.56 -14.25
N SER D 28 -14.11 1.47 -13.27
CA SER D 28 -12.89 1.68 -12.50
C SER D 28 -12.52 0.43 -11.71
N LYS D 29 -13.51 -0.23 -11.10
CA LYS D 29 -13.23 -1.44 -10.34
C LYS D 29 -12.78 -2.58 -11.25
N ALA D 30 -13.32 -2.65 -12.46
CA ALA D 30 -12.87 -3.66 -13.41
C ALA D 30 -11.43 -3.40 -13.86
N ILE D 31 -11.06 -2.13 -14.00
CA ILE D 31 -9.69 -1.77 -14.35
C ILE D 31 -8.74 -2.17 -13.22
N GLU D 32 -9.14 -1.91 -11.97
CA GLU D 32 -8.29 -2.22 -10.83
C GLU D 32 -8.03 -3.71 -10.70
N LYS D 33 -9.00 -4.55 -11.06
CA LYS D 33 -8.81 -5.99 -10.97
C LYS D 33 -7.71 -6.46 -11.91
N ASN D 34 -7.68 -5.92 -13.13
CA ASN D 34 -6.62 -6.28 -14.07
C ASN D 34 -5.28 -5.68 -13.65
N LEU D 35 -5.29 -4.51 -13.01
CA LEU D 35 -4.06 -3.91 -12.53
C LEU D 35 -3.42 -4.78 -11.44
N LYS D 36 -4.24 -5.27 -10.50
CA LYS D 36 -3.73 -6.16 -9.47
C LYS D 36 -3.33 -7.51 -10.05
N GLU D 37 -4.11 -8.02 -11.01
CA GLU D 37 -3.79 -9.30 -11.62
C GLU D 37 -2.45 -9.25 -12.35
N ASP D 38 -2.19 -8.17 -13.07
CA ASP D 38 -0.93 -8.03 -13.78
C ASP D 38 0.24 -7.93 -12.80
N GLY D 39 0.02 -7.30 -11.66
CA GLY D 39 1.07 -7.22 -10.65
C GLY D 39 1.43 -8.59 -10.08
N ILE D 40 0.43 -9.47 -9.94
CA ILE D 40 0.69 -10.81 -9.46
C ILE D 40 1.57 -11.57 -10.45
N SER D 41 1.27 -11.45 -11.74
CA SER D 41 2.07 -12.11 -12.77
C SER D 41 3.44 -11.46 -12.95
N ALA D 42 3.67 -10.30 -12.34
CA ALA D 42 4.95 -9.61 -12.43
C ALA D 42 5.82 -9.82 -11.20
N ALA D 43 5.47 -10.78 -10.34
CA ALA D 43 6.25 -11.07 -9.14
C ALA D 43 7.04 -12.37 -9.24
N LYS D 44 6.81 -13.17 -10.28
CA LYS D 44 7.51 -14.44 -10.46
C LYS D 44 8.77 -14.29 -11.32
N ASP D 45 9.13 -13.07 -11.70
CA ASP D 45 10.27 -12.82 -12.57
C ASP D 45 11.39 -12.16 -11.77
N VAL D 46 12.63 -12.47 -12.14
CA VAL D 46 13.82 -11.92 -11.51
C VAL D 46 14.43 -10.92 -12.48
N LYS D 47 14.62 -9.69 -12.01
CA LYS D 47 15.15 -8.60 -12.83
C LYS D 47 16.64 -8.46 -12.54
N LEU D 48 17.47 -8.78 -13.52
CA LEU D 48 18.91 -8.70 -13.40
C LEU D 48 19.46 -7.66 -14.38
N LEU D 49 20.64 -7.13 -14.06
CA LEU D 49 21.25 -6.06 -14.83
C LEU D 49 22.57 -6.54 -15.39
N LEU D 50 22.74 -6.42 -16.71
CA LEU D 50 23.96 -6.83 -17.38
C LEU D 50 24.88 -5.63 -17.57
N LEU D 51 26.14 -5.79 -17.17
CA LEU D 51 27.13 -4.75 -17.30
C LEU D 51 28.46 -5.37 -17.73
N GLY D 52 29.40 -4.51 -18.11
CA GLY D 52 30.71 -4.97 -18.52
C GLY D 52 31.22 -4.26 -19.76
N ALA D 53 32.52 -4.41 -20.04
CA ALA D 53 33.12 -3.78 -21.20
C ALA D 53 32.67 -4.48 -22.49
N ASP D 54 32.95 -3.84 -23.61
CA ASP D 54 32.58 -4.40 -24.91
C ASP D 54 33.42 -5.64 -25.20
N ASN D 55 32.82 -6.55 -25.98
CA ASN D 55 33.48 -7.80 -26.40
C ASN D 55 33.90 -8.64 -25.19
N SER D 56 33.14 -8.56 -24.10
CA SER D 56 33.44 -9.31 -22.88
C SER D 56 32.47 -10.46 -22.65
N GLY D 57 31.66 -10.81 -23.64
CA GLY D 57 30.68 -11.86 -23.48
C GLY D 57 29.41 -11.46 -22.77
N LYS D 58 29.13 -10.16 -22.65
CA LYS D 58 27.95 -9.69 -21.96
C LYS D 58 26.65 -9.97 -22.71
N SER D 59 26.74 -10.44 -23.96
CA SER D 59 25.57 -10.79 -24.74
C SER D 59 25.48 -12.29 -25.02
N THR D 60 26.47 -13.07 -24.60
CA THR D 60 26.50 -14.51 -24.88
C THR D 60 26.84 -15.29 -23.63
N ILE D 61 26.17 -14.99 -22.52
CA ILE D 61 26.40 -15.73 -21.29
C ILE D 61 25.69 -17.09 -21.34
N VAL D 62 24.38 -17.05 -21.53
CA VAL D 62 23.55 -18.26 -21.59
C VAL D 62 23.19 -18.52 -23.05
N LYS D 63 23.36 -19.76 -23.49
CA LYS D 63 23.03 -20.13 -24.86
C LYS D 63 21.53 -20.24 -25.09
N GLN D 64 20.73 -20.25 -24.02
CA GLN D 64 19.28 -20.23 -24.13
C GLN D 64 18.83 -18.77 -24.04
N MET D 65 18.92 -18.07 -25.18
CA MET D 65 18.75 -16.63 -25.16
C MET D 65 17.28 -16.22 -25.11
N LYS D 66 16.54 -16.53 -26.18
CA LYS D 66 15.15 -16.07 -26.33
C LYS D 66 15.03 -14.58 -25.99
N ILE D 67 15.67 -13.78 -26.85
CA ILE D 67 15.85 -12.35 -26.57
C ILE D 67 14.51 -11.67 -26.30
N ILE D 68 13.60 -11.71 -27.27
CA ILE D 68 12.30 -11.07 -27.12
C ILE D 68 11.35 -11.53 -28.21
N THR D 79 18.68 -0.02 -31.34
CA THR D 79 19.59 0.66 -30.43
C THR D 79 18.84 1.21 -29.22
N GLY D 80 19.30 0.85 -28.03
CA GLY D 80 18.65 1.25 -26.80
C GLY D 80 18.86 0.26 -25.68
N ILE D 81 17.77 -0.19 -25.07
CA ILE D 81 17.82 -1.18 -23.99
C ILE D 81 17.40 -2.53 -24.57
N VAL D 82 18.14 -3.58 -24.22
CA VAL D 82 17.92 -4.92 -24.74
C VAL D 82 17.52 -5.83 -23.58
N GLU D 83 16.45 -6.60 -23.79
CA GLU D 83 15.94 -7.51 -22.77
C GLU D 83 16.16 -8.96 -23.19
N THR D 84 16.26 -9.82 -22.20
CA THR D 84 16.42 -11.25 -22.40
C THR D 84 15.66 -11.96 -21.28
N HIS D 85 14.77 -12.89 -21.64
CA HIS D 85 13.80 -13.43 -20.71
C HIS D 85 13.85 -14.95 -20.69
N PHE D 86 15.05 -15.51 -20.55
CA PHE D 86 15.17 -16.95 -20.38
C PHE D 86 14.63 -17.39 -19.03
N THR D 87 14.13 -18.61 -18.97
CA THR D 87 13.55 -19.17 -17.76
C THR D 87 14.33 -20.41 -17.34
N PHE D 88 14.31 -20.68 -16.03
CA PHE D 88 15.07 -21.81 -15.49
C PHE D 88 14.48 -22.21 -14.14
N LYS D 89 14.16 -23.49 -13.98
CA LYS D 89 13.65 -24.04 -12.72
C LYS D 89 12.41 -23.29 -12.24
N ASN D 90 11.44 -23.15 -13.14
CA ASN D 90 10.15 -22.51 -12.84
C ASN D 90 10.33 -21.08 -12.34
N LEU D 91 11.39 -20.41 -12.81
CA LEU D 91 11.67 -19.04 -12.43
C LEU D 91 12.05 -18.26 -13.67
N HIS D 92 11.52 -17.05 -13.79
CA HIS D 92 11.72 -16.21 -14.96
C HIS D 92 12.83 -15.21 -14.69
N PHE D 93 13.87 -15.23 -15.53
CA PHE D 93 15.02 -14.34 -15.40
C PHE D 93 14.97 -13.32 -16.54
N ARG D 94 14.92 -12.05 -16.19
CA ARG D 94 14.89 -10.96 -17.16
C ARG D 94 16.21 -10.20 -17.09
N LEU D 95 17.00 -10.27 -18.16
CA LEU D 95 18.29 -9.62 -18.23
C LEU D 95 18.17 -8.35 -19.05
N PHE D 96 18.60 -7.23 -18.48
CA PHE D 96 18.54 -5.93 -19.13
C PHE D 96 19.96 -5.49 -19.48
N ASP D 97 20.25 -5.36 -20.76
CA ASP D 97 21.54 -4.90 -21.24
C ASP D 97 21.45 -3.39 -21.50
N VAL D 98 22.24 -2.62 -20.76
CA VAL D 98 22.21 -1.17 -20.86
C VAL D 98 23.25 -0.63 -21.83
N GLY D 99 24.02 -1.50 -22.46
CA GLY D 99 25.00 -1.02 -23.43
C GLY D 99 24.34 -0.42 -24.66
N GLY D 100 25.05 0.51 -25.29
CA GLY D 100 24.57 1.19 -26.47
C GLY D 100 23.88 2.51 -26.21
N GLN D 101 23.53 2.81 -24.97
CA GLN D 101 22.93 4.10 -24.66
C GLN D 101 23.90 5.24 -24.93
N ARG D 102 25.16 5.08 -24.54
CA ARG D 102 26.21 6.07 -24.78
C ARG D 102 25.84 7.44 -24.22
N SER D 103 25.17 7.44 -23.06
CA SER D 103 24.79 8.67 -22.39
C SER D 103 25.35 8.70 -20.97
N GLU D 104 24.99 9.72 -20.20
CA GLU D 104 25.43 9.81 -18.81
C GLU D 104 24.62 8.84 -17.96
N ARG D 105 25.31 7.89 -17.32
CA ARG D 105 24.64 6.86 -16.55
C ARG D 105 23.90 7.42 -15.33
N LYS D 106 24.33 8.57 -14.81
CA LYS D 106 23.76 9.10 -13.58
C LYS D 106 22.29 9.45 -13.71
N LYS D 107 21.77 9.58 -14.93
CA LYS D 107 20.40 10.04 -15.14
C LYS D 107 19.39 8.91 -15.33
N TRP D 108 19.83 7.73 -15.77
CA TRP D 108 18.91 6.63 -15.99
C TRP D 108 19.30 5.34 -15.25
N ILE D 109 20.39 5.34 -14.49
CA ILE D 109 20.76 4.14 -13.76
C ILE D 109 19.88 3.95 -12.53
N HIS D 110 19.17 4.99 -12.10
CA HIS D 110 18.26 4.85 -10.97
C HIS D 110 16.98 4.13 -11.34
N CYS D 111 16.71 3.92 -12.63
CA CYS D 111 15.57 3.11 -13.04
C CYS D 111 15.74 1.67 -12.61
N PHE D 112 16.97 1.16 -12.64
CA PHE D 112 17.29 -0.20 -12.24
C PHE D 112 17.66 -0.31 -10.76
N GLU D 113 17.15 0.60 -9.92
CA GLU D 113 17.45 0.56 -8.50
C GLU D 113 16.88 -0.68 -7.82
N ASP D 114 15.85 -1.30 -8.40
CA ASP D 114 15.15 -2.42 -7.79
C ASP D 114 15.54 -3.77 -8.38
N VAL D 115 16.61 -3.82 -9.18
CA VAL D 115 17.03 -5.10 -9.73
C VAL D 115 17.51 -6.03 -8.62
N THR D 116 17.34 -7.33 -8.85
CA THR D 116 17.73 -8.32 -7.84
C THR D 116 19.25 -8.39 -7.68
N ALA D 117 19.99 -8.35 -8.78
CA ALA D 117 21.44 -8.46 -8.73
C ALA D 117 22.03 -7.78 -9.94
N ILE D 118 23.37 -7.71 -9.96
CA ILE D 118 24.13 -7.14 -11.06
C ILE D 118 25.02 -8.23 -11.63
N ILE D 119 24.95 -8.46 -12.93
CA ILE D 119 25.81 -9.43 -13.61
C ILE D 119 26.90 -8.66 -14.34
N PHE D 120 28.14 -8.90 -13.94
CA PHE D 120 29.30 -8.22 -14.52
C PHE D 120 30.14 -9.23 -15.27
N CYS D 121 30.49 -8.89 -16.52
CA CYS D 121 31.29 -9.75 -17.37
C CYS D 121 32.66 -9.13 -17.60
N VAL D 122 33.71 -9.93 -17.37
CA VAL D 122 35.08 -9.49 -17.51
C VAL D 122 35.81 -10.46 -18.43
N ASP D 123 36.54 -9.91 -19.41
CA ASP D 123 37.31 -10.72 -20.35
C ASP D 123 38.76 -10.74 -19.88
N LEU D 124 39.24 -11.94 -19.51
CA LEU D 124 40.59 -12.09 -18.99
C LEU D 124 41.66 -12.02 -20.07
N SER D 125 41.30 -12.21 -21.33
CA SER D 125 42.29 -12.18 -22.41
C SER D 125 42.59 -10.76 -22.89
N ASP D 126 41.82 -9.77 -22.46
CA ASP D 126 42.03 -8.38 -22.86
C ASP D 126 42.83 -7.67 -21.77
N TYR D 127 44.13 -7.48 -22.02
CA TYR D 127 44.99 -6.82 -21.04
C TYR D 127 44.88 -5.30 -21.10
N ASN D 128 44.30 -4.75 -22.16
CA ASN D 128 44.15 -3.31 -22.28
C ASN D 128 42.83 -2.81 -21.71
N ARG D 129 41.75 -3.58 -21.85
CA ARG D 129 40.47 -3.20 -21.28
C ARG D 129 40.29 -3.63 -19.84
N MET D 130 41.28 -4.33 -19.26
CA MET D 130 41.18 -4.76 -17.87
C MET D 130 41.10 -3.57 -16.92
N HIS D 131 41.91 -2.53 -17.17
CA HIS D 131 41.83 -1.33 -16.35
C HIS D 131 40.52 -0.58 -16.61
N GLU D 132 40.03 -0.62 -17.84
CA GLU D 132 38.73 -0.02 -18.14
C GLU D 132 37.62 -0.76 -17.42
N SER D 133 37.70 -2.09 -17.35
CA SER D 133 36.68 -2.86 -16.63
C SER D 133 36.71 -2.56 -15.14
N LEU D 134 37.91 -2.38 -14.58
CA LEU D 134 38.01 -2.09 -13.15
C LEU D 134 37.37 -0.76 -12.79
N MET D 135 37.51 0.24 -13.67
CA MET D 135 36.84 1.51 -13.44
C MET D 135 35.33 1.35 -13.47
N LEU D 136 34.81 0.53 -14.38
CA LEU D 136 33.38 0.28 -14.44
C LEU D 136 32.90 -0.42 -13.17
N PHE D 137 33.63 -1.42 -12.70
CA PHE D 137 33.24 -2.14 -11.50
C PHE D 137 33.31 -1.23 -10.27
N ASP D 138 34.34 -0.40 -10.19
CA ASP D 138 34.48 0.50 -9.04
C ASP D 138 33.33 1.49 -8.98
N SER D 139 32.92 2.05 -10.12
CA SER D 139 31.85 3.03 -10.13
C SER D 139 30.51 2.40 -9.80
N ILE D 140 30.24 1.22 -10.38
CA ILE D 140 28.94 0.59 -10.18
C ILE D 140 28.79 0.07 -8.76
N CYS D 141 29.84 -0.56 -8.22
CA CYS D 141 29.74 -1.17 -6.89
C CYS D 141 29.51 -0.12 -5.81
N ASN D 142 30.16 1.03 -5.92
CA ASN D 142 30.07 2.08 -4.91
C ASN D 142 29.02 3.13 -5.25
N ASN D 143 28.18 2.88 -6.25
CA ASN D 143 27.10 3.81 -6.57
C ASN D 143 26.10 3.86 -5.42
N LYS D 144 25.48 5.03 -5.24
CA LYS D 144 24.56 5.21 -4.13
C LYS D 144 23.29 4.37 -4.29
N PHE D 145 22.85 4.14 -5.52
CA PHE D 145 21.66 3.34 -5.75
C PHE D 145 21.94 1.85 -5.61
N PHE D 146 23.15 1.41 -5.94
CA PHE D 146 23.52 0.00 -5.89
C PHE D 146 24.37 -0.33 -4.67
N ILE D 147 24.11 0.32 -3.54
CA ILE D 147 24.90 0.08 -2.33
C ILE D 147 24.56 -1.25 -1.66
N ASP D 148 23.44 -1.87 -2.01
CA ASP D 148 23.02 -3.12 -1.39
C ASP D 148 22.76 -4.23 -2.39
N THR D 149 22.87 -3.98 -3.69
CA THR D 149 22.62 -4.99 -4.71
C THR D 149 23.86 -5.86 -4.87
N SER D 150 23.71 -7.15 -4.61
CA SER D 150 24.83 -8.08 -4.77
C SER D 150 25.20 -8.20 -6.24
N ILE D 151 26.47 -8.51 -6.49
CA ILE D 151 27.03 -8.56 -7.83
C ILE D 151 27.43 -10.00 -8.14
N ILE D 152 27.00 -10.49 -9.30
CA ILE D 152 27.42 -11.79 -9.82
C ILE D 152 28.47 -11.53 -10.89
N LEU D 153 29.74 -11.72 -10.53
CA LEU D 153 30.85 -11.38 -11.40
C LEU D 153 31.26 -12.63 -12.18
N PHE D 154 31.36 -12.50 -13.51
CA PHE D 154 31.71 -13.59 -14.39
C PHE D 154 33.06 -13.31 -15.03
N LEU D 155 33.99 -14.24 -14.87
CA LEU D 155 35.33 -14.14 -15.47
C LEU D 155 35.36 -15.11 -16.65
N ASN D 156 35.37 -14.56 -17.86
CA ASN D 156 35.19 -15.34 -19.07
C ASN D 156 36.51 -15.77 -19.69
N LYS D 157 36.43 -16.76 -20.57
CA LYS D 157 37.54 -17.20 -21.43
C LYS D 157 38.76 -17.62 -20.61
N LYS D 158 38.57 -18.70 -19.85
CA LYS D 158 39.68 -19.31 -19.13
C LYS D 158 40.75 -19.81 -20.09
N ASP D 159 40.33 -20.49 -21.16
CA ASP D 159 41.28 -21.10 -22.08
C ASP D 159 42.10 -20.05 -22.81
N LEU D 160 41.45 -18.97 -23.27
CA LEU D 160 42.17 -17.91 -23.94
C LEU D 160 43.17 -17.23 -23.01
N PHE D 161 42.77 -17.00 -21.76
CA PHE D 161 43.70 -16.44 -20.78
C PHE D 161 44.83 -17.41 -20.47
N GLY D 162 44.52 -18.70 -20.42
CA GLY D 162 45.55 -19.69 -20.13
C GLY D 162 46.64 -19.73 -21.18
N GLU D 163 46.26 -19.58 -22.46
CA GLU D 163 47.24 -19.55 -23.53
C GLU D 163 47.94 -18.20 -23.61
N LYS D 164 47.24 -17.11 -23.28
CA LYS D 164 47.81 -15.78 -23.42
C LYS D 164 48.92 -15.53 -22.41
N ILE D 165 48.76 -16.04 -21.18
CA ILE D 165 49.73 -15.75 -20.12
C ILE D 165 51.10 -16.33 -20.45
N LYS D 166 51.14 -17.50 -21.08
CA LYS D 166 52.42 -18.09 -21.44
C LYS D 166 53.18 -17.23 -22.43
N LYS D 167 52.49 -16.67 -23.43
CA LYS D 167 53.15 -15.81 -24.40
C LYS D 167 53.56 -14.48 -23.80
N SER D 168 52.68 -13.87 -23.00
CA SER D 168 52.97 -12.59 -22.37
C SER D 168 52.61 -12.70 -20.88
N PRO D 169 53.56 -12.49 -19.98
CA PRO D 169 53.27 -12.61 -18.55
C PRO D 169 52.34 -11.50 -18.07
N LEU D 170 51.64 -11.79 -16.97
CA LEU D 170 50.70 -10.84 -16.38
C LEU D 170 51.43 -9.76 -15.59
N THR D 171 52.18 -8.93 -16.32
CA THR D 171 52.89 -7.80 -15.75
C THR D 171 52.72 -6.50 -16.51
N ILE D 172 52.38 -6.55 -17.80
CA ILE D 172 52.15 -5.31 -18.54
C ILE D 172 50.86 -4.63 -18.07
N CYS D 173 49.84 -5.43 -17.76
CA CYS D 173 48.58 -4.86 -17.28
C CYS D 173 48.65 -4.52 -15.80
N PHE D 174 49.25 -5.40 -15.00
CA PHE D 174 49.37 -5.21 -13.56
C PHE D 174 50.84 -5.25 -13.17
N PRO D 175 51.51 -4.08 -13.13
CA PRO D 175 52.93 -4.07 -12.73
C PRO D 175 53.17 -4.48 -11.29
N GLU D 176 52.14 -4.45 -10.44
CA GLU D 176 52.31 -4.77 -9.03
C GLU D 176 52.28 -6.27 -8.75
N TYR D 177 52.06 -7.09 -9.77
CA TYR D 177 52.02 -8.54 -9.55
C TYR D 177 53.40 -9.05 -9.13
N THR D 178 53.41 -9.96 -8.15
CA THR D 178 54.64 -10.51 -7.61
C THR D 178 54.64 -12.02 -7.49
N GLY D 179 53.48 -12.67 -7.44
CA GLY D 179 53.42 -14.10 -7.25
C GLY D 179 53.82 -14.90 -8.47
N PRO D 180 53.66 -16.22 -8.40
CA PRO D 180 54.07 -17.08 -9.51
C PRO D 180 53.24 -16.80 -10.76
N ASN D 181 53.85 -17.07 -11.92
CA ASN D 181 53.22 -16.86 -13.21
C ASN D 181 52.28 -17.99 -13.61
N THR D 182 51.87 -18.83 -12.66
CA THR D 182 50.95 -19.92 -12.95
C THR D 182 49.54 -19.39 -13.16
N TYR D 183 48.70 -20.21 -13.80
CA TYR D 183 47.34 -19.81 -14.10
C TYR D 183 46.52 -19.62 -12.82
N GLU D 184 46.70 -20.51 -11.84
CA GLU D 184 45.89 -20.46 -10.63
C GLU D 184 46.13 -19.18 -9.85
N ASP D 185 47.39 -18.77 -9.71
CA ASP D 185 47.69 -17.56 -8.95
C ASP D 185 47.33 -16.31 -9.74
N ALA D 186 47.57 -16.32 -11.06
CA ALA D 186 47.26 -15.15 -11.87
C ALA D 186 45.76 -14.89 -11.93
N ALA D 187 44.97 -15.95 -12.15
CA ALA D 187 43.52 -15.79 -12.22
C ALA D 187 42.96 -15.35 -10.87
N ALA D 188 43.48 -15.89 -9.77
CA ALA D 188 43.01 -15.48 -8.45
C ALA D 188 43.45 -14.06 -8.13
N TYR D 189 44.59 -13.63 -8.66
CA TYR D 189 45.04 -12.26 -8.44
C TYR D 189 44.09 -11.25 -9.08
N ILE D 190 43.61 -11.56 -10.28
CA ILE D 190 42.63 -10.69 -10.93
C ILE D 190 41.35 -10.63 -10.12
N GLN D 191 40.92 -11.79 -9.58
CA GLN D 191 39.69 -11.83 -8.79
C GLN D 191 39.81 -10.99 -7.53
N ALA D 192 41.00 -11.00 -6.89
CA ALA D 192 41.19 -10.23 -5.68
C ALA D 192 41.04 -8.74 -5.93
N GLN D 193 41.55 -8.26 -7.08
CA GLN D 193 41.45 -6.84 -7.39
C GLN D 193 40.00 -6.39 -7.52
N PHE D 194 39.16 -7.21 -8.16
CA PHE D 194 37.76 -6.84 -8.35
C PHE D 194 37.02 -6.78 -7.02
N GLU D 195 37.29 -7.74 -6.12
CA GLU D 195 36.65 -7.74 -4.81
C GLU D 195 37.25 -6.72 -3.86
N SER D 196 38.42 -6.19 -4.17
CA SER D 196 38.99 -5.12 -3.36
C SER D 196 38.24 -3.81 -3.51
N LYS D 197 37.37 -3.69 -4.51
CA LYS D 197 36.55 -2.50 -4.73
C LYS D 197 35.19 -2.59 -4.07
N ASN D 198 34.90 -3.68 -3.34
CA ASN D 198 33.60 -3.81 -2.69
C ASN D 198 33.40 -2.69 -1.67
N ARG D 199 34.21 -2.69 -0.62
CA ARG D 199 34.28 -1.59 0.35
C ARG D 199 32.93 -1.30 1.00
N SER D 200 32.05 -2.29 1.07
CA SER D 200 30.70 -2.08 1.60
C SER D 200 30.22 -3.34 2.29
N PRO D 201 29.40 -3.20 3.33
CA PRO D 201 28.75 -4.36 3.94
C PRO D 201 27.40 -4.62 3.29
N ASN D 202 26.79 -5.74 3.69
CA ASN D 202 25.52 -6.24 3.19
C ASN D 202 25.57 -6.58 1.71
N LYS D 203 26.74 -6.59 1.08
CA LYS D 203 26.90 -6.88 -0.34
C LYS D 203 27.90 -8.02 -0.50
N GLU D 204 27.52 -9.03 -1.29
CA GLU D 204 28.37 -10.17 -1.54
C GLU D 204 28.59 -10.32 -3.04
N ILE D 205 29.83 -10.58 -3.43
CA ILE D 205 30.21 -10.73 -4.82
C ILE D 205 30.41 -12.22 -5.10
N TYR D 206 29.56 -12.78 -5.94
CA TYR D 206 29.63 -14.20 -6.30
C TYR D 206 30.40 -14.33 -7.61
N CYS D 207 31.64 -14.79 -7.51
CA CYS D 207 32.50 -14.96 -8.67
C CYS D 207 32.35 -16.35 -9.27
N HIS D 208 32.74 -16.47 -10.54
CA HIS D 208 32.76 -17.75 -11.23
C HIS D 208 33.60 -17.60 -12.49
N MET D 209 34.37 -18.63 -12.79
CA MET D 209 35.23 -18.66 -13.96
C MET D 209 34.52 -19.41 -15.09
N THR D 210 34.33 -18.74 -16.22
CA THR D 210 33.59 -19.31 -17.34
C THR D 210 34.46 -19.34 -18.58
N CYS D 211 34.08 -20.22 -19.50
CA CYS D 211 34.73 -20.34 -20.80
C CYS D 211 33.68 -20.25 -21.90
N ALA D 212 34.15 -20.27 -23.15
CA ALA D 212 33.22 -20.19 -24.27
C ALA D 212 32.29 -21.40 -24.33
N THR D 213 32.84 -22.60 -24.10
CA THR D 213 32.06 -23.83 -24.16
C THR D 213 31.53 -24.24 -22.79
N ASP D 214 30.82 -23.34 -22.13
CA ASP D 214 30.18 -23.60 -20.84
C ASP D 214 28.68 -23.42 -21.00
N THR D 215 27.92 -24.46 -20.66
CA THR D 215 26.48 -24.46 -20.80
C THR D 215 25.76 -24.19 -19.47
N ASN D 216 26.43 -24.41 -18.34
CA ASN D 216 25.79 -24.31 -17.02
C ASN D 216 25.86 -22.90 -16.45
N ASN D 217 25.93 -21.88 -17.31
CA ASN D 217 25.91 -20.50 -16.83
C ASN D 217 24.56 -20.17 -16.20
N ALA D 218 23.48 -20.74 -16.73
CA ALA D 218 22.17 -20.50 -16.14
C ALA D 218 22.06 -21.09 -14.74
N GLN D 219 22.68 -22.25 -14.51
CA GLN D 219 22.68 -22.85 -13.19
C GLN D 219 23.44 -21.97 -12.20
N VAL D 220 24.57 -21.40 -12.63
CA VAL D 220 25.35 -20.55 -11.75
C VAL D 220 24.58 -19.29 -11.37
N ILE D 221 23.86 -18.70 -12.32
CA ILE D 221 23.04 -17.54 -12.02
C ILE D 221 21.91 -17.90 -11.07
N PHE D 222 21.30 -19.07 -11.27
CA PHE D 222 20.13 -19.44 -10.46
C PHE D 222 20.49 -19.58 -9.00
N ASP D 223 21.61 -20.25 -8.69
CA ASP D 223 21.97 -20.47 -7.29
C ASP D 223 22.39 -19.17 -6.62
N ALA D 224 23.04 -18.28 -7.38
CA ALA D 224 23.43 -16.99 -6.82
C ALA D 224 22.20 -16.13 -6.51
N VAL D 225 21.22 -16.12 -7.42
CA VAL D 225 20.01 -15.32 -7.19
C VAL D 225 19.24 -15.83 -5.98
N THR D 226 19.12 -17.16 -5.86
CA THR D 226 18.46 -17.74 -4.69
C THR D 226 19.22 -17.38 -3.42
N ASP D 227 20.55 -17.38 -3.49
CA ASP D 227 21.35 -17.02 -2.32
C ASP D 227 21.17 -15.55 -1.96
N ILE D 228 21.00 -14.69 -2.96
CA ILE D 228 20.82 -13.26 -2.70
C ILE D 228 19.47 -13.00 -2.05
N ILE D 229 18.43 -13.73 -2.47
CA ILE D 229 17.10 -13.52 -1.93
C ILE D 229 17.07 -13.88 -0.45
N ILE D 230 17.78 -14.93 -0.05
CA ILE D 230 17.82 -15.31 1.36
C ILE D 230 18.41 -14.19 2.21
N ALA D 231 19.50 -13.58 1.72
CA ALA D 231 20.13 -12.49 2.47
C ALA D 231 19.19 -11.32 2.68
N ASN D 232 18.45 -10.94 1.63
CA ASN D 232 17.48 -9.86 1.77
C ASN D 232 16.32 -10.27 2.67
N ASN D 233 15.89 -11.53 2.56
CA ASN D 233 14.81 -12.02 3.42
C ASN D 233 15.25 -12.09 4.87
N LEU D 234 16.52 -12.44 5.11
CA LEU D 234 17.03 -12.50 6.47
C LEU D 234 16.99 -11.12 7.13
N ARG D 235 17.40 -10.09 6.39
CA ARG D 235 17.35 -8.73 6.93
C ARG D 235 15.92 -8.29 7.19
N GLY D 236 15.00 -8.62 6.27
CA GLY D 236 13.61 -8.23 6.47
C GLY D 236 12.97 -8.92 7.65
N CYS D 237 13.26 -10.21 7.83
CA CYS D 237 12.70 -10.96 8.95
C CYS D 237 13.27 -10.54 10.29
N GLY D 238 14.35 -9.76 10.31
CA GLY D 238 14.96 -9.32 11.55
C GLY D 238 15.94 -10.30 12.17
N LEU D 239 16.19 -11.44 11.53
CA LEU D 239 17.14 -12.41 12.07
C LEU D 239 18.55 -11.82 12.12
N TYR D 240 18.95 -11.08 11.09
CA TYR D 240 20.23 -10.40 11.08
C TYR D 240 20.04 -8.90 11.33
N ASP E 15 42.34 29.06 -33.62
CA ASP E 15 42.98 29.77 -32.51
C ASP E 15 42.54 31.22 -32.44
N GLN E 16 42.48 31.88 -33.60
CA GLN E 16 42.02 33.26 -33.64
C GLN E 16 40.54 33.36 -33.27
N LEU E 17 39.73 32.40 -33.73
CA LEU E 17 38.32 32.41 -33.39
C LEU E 17 38.09 32.15 -31.91
N ARG E 18 39.01 31.44 -31.27
CA ARG E 18 38.90 31.20 -29.83
C ARG E 18 38.99 32.51 -29.06
N GLN E 19 39.89 33.41 -29.47
CA GLN E 19 39.93 34.74 -28.88
C GLN E 19 38.64 35.51 -29.14
N GLU E 20 38.09 35.36 -30.36
CA GLU E 20 36.81 36.01 -30.67
C GLU E 20 35.69 35.47 -29.80
N ALA E 21 35.71 34.17 -29.51
CA ALA E 21 34.70 33.59 -28.63
C ALA E 21 34.80 34.17 -27.22
N GLU E 22 36.02 34.35 -26.72
CA GLU E 22 36.21 34.83 -25.36
C GLU E 22 35.75 36.27 -25.21
N GLN E 23 36.11 37.13 -26.16
CA GLN E 23 35.74 38.55 -26.06
C GLN E 23 34.23 38.74 -26.19
N LEU E 24 33.55 37.88 -26.95
CA LEU E 24 32.10 37.97 -27.04
C LEU E 24 31.44 37.66 -25.69
N LYS E 25 31.98 36.70 -24.96
CA LYS E 25 31.48 36.42 -23.62
C LYS E 25 31.70 37.61 -22.69
N ASN E 26 32.85 38.26 -22.79
CA ASN E 26 33.13 39.43 -21.95
C ASN E 26 32.17 40.57 -22.26
N GLN E 27 31.86 40.78 -23.54
CA GLN E 27 30.91 41.82 -23.91
C GLN E 27 29.53 41.52 -23.34
N ILE E 28 29.09 40.26 -23.41
CA ILE E 28 27.80 39.88 -22.86
C ILE E 28 27.78 40.09 -21.35
N ARG E 29 28.82 39.65 -20.66
CA ARG E 29 28.87 39.75 -19.21
C ARG E 29 28.85 41.21 -18.75
N ASP E 30 29.64 42.06 -19.42
CA ASP E 30 29.66 43.48 -19.05
C ASP E 30 28.32 44.14 -19.33
N ALA E 31 27.71 43.84 -20.48
CA ALA E 31 26.39 44.37 -20.78
C ALA E 31 25.34 43.84 -19.82
N ARG E 32 25.42 42.54 -19.49
CA ARG E 32 24.47 41.96 -18.54
C ARG E 32 24.60 42.60 -17.17
N LYS E 33 25.84 42.84 -16.73
CA LYS E 33 26.07 43.47 -15.43
C LYS E 33 25.65 44.93 -15.40
N ALA E 34 25.76 45.63 -16.53
CA ALA E 34 25.39 47.04 -16.56
C ALA E 34 23.88 47.25 -16.44
N CYS E 35 23.09 46.27 -16.90
CA CYS E 35 21.64 46.39 -16.79
C CYS E 35 21.17 46.21 -15.36
N ALA E 36 21.94 45.53 -14.53
CA ALA E 36 21.53 45.29 -13.15
C ALA E 36 21.64 46.56 -12.33
N ASP E 37 20.51 47.03 -11.82
CA ASP E 37 20.46 48.19 -10.93
C ASP E 37 20.04 47.83 -9.51
N ALA E 38 19.07 46.93 -9.36
CA ALA E 38 18.62 46.51 -8.05
C ALA E 38 18.08 45.09 -8.14
N THR E 39 18.42 44.27 -7.14
CA THR E 39 17.97 42.89 -7.13
C THR E 39 16.46 42.81 -6.90
N LEU E 40 15.90 41.67 -7.28
CA LEU E 40 14.46 41.46 -7.10
C LEU E 40 14.08 41.50 -5.62
N SER E 41 14.89 40.88 -4.77
CA SER E 41 14.63 40.85 -3.33
C SER E 41 14.82 42.21 -2.67
N GLN E 42 15.37 43.19 -3.39
CA GLN E 42 15.54 44.53 -2.88
C GLN E 42 14.41 45.48 -3.25
N ILE E 43 13.72 45.24 -4.36
CA ILE E 43 12.62 46.10 -4.78
C ILE E 43 11.30 45.74 -4.10
N THR E 44 11.00 44.46 -3.92
CA THR E 44 9.74 44.00 -3.35
C THR E 44 9.87 43.76 -1.85
N ASN E 45 10.74 44.52 -1.20
CA ASN E 45 10.93 44.42 0.24
C ASN E 45 9.81 45.04 1.05
N ASN E 46 8.91 45.79 0.39
CA ASN E 46 7.77 46.39 1.07
C ASN E 46 6.47 45.62 0.87
N ILE E 47 6.49 44.55 0.07
CA ILE E 47 5.30 43.74 -0.13
C ILE E 47 5.12 42.81 1.07
N ASP E 48 3.92 42.78 1.61
CA ASP E 48 3.66 41.97 2.80
C ASP E 48 3.81 40.48 2.49
N PRO E 49 4.29 39.69 3.43
CA PRO E 49 4.45 38.24 3.18
C PRO E 49 3.09 37.57 3.03
N VAL E 50 3.11 36.42 2.35
CA VAL E 50 1.89 35.65 2.13
C VAL E 50 1.55 34.74 3.30
N GLY E 51 2.33 34.79 4.38
CA GLY E 51 2.06 33.97 5.55
C GLY E 51 2.45 32.52 5.37
N ARG E 52 1.66 31.61 5.96
CA ARG E 52 1.92 30.18 5.88
C ARG E 52 0.87 29.55 4.98
N ILE E 53 1.32 28.85 3.93
CA ILE E 53 0.42 28.18 3.00
C ILE E 53 0.34 26.72 3.47
N GLN E 54 -0.64 26.44 4.33
CA GLN E 54 -0.87 25.10 4.82
C GLN E 54 -1.81 24.38 3.86
N MET E 55 -1.30 23.37 3.17
CA MET E 55 -2.06 22.64 2.17
C MET E 55 -2.29 21.21 2.63
N ARG E 56 -3.53 20.75 2.51
CA ARG E 56 -3.96 19.47 3.05
C ARG E 56 -4.24 18.49 1.91
N THR E 57 -3.87 17.22 2.14
CA THR E 57 -4.10 16.19 1.14
C THR E 57 -5.60 15.93 0.99
N ARG E 58 -6.13 16.18 -0.20
CA ARG E 58 -7.54 15.96 -0.48
C ARG E 58 -7.82 14.61 -1.12
N ARG E 59 -6.94 14.13 -1.99
CA ARG E 59 -7.11 12.84 -2.65
C ARG E 59 -5.80 12.07 -2.58
N THR E 60 -5.91 10.74 -2.63
CA THR E 60 -4.76 9.85 -2.71
C THR E 60 -5.04 8.83 -3.81
N LEU E 61 -4.32 8.95 -4.91
CA LEU E 61 -4.54 8.11 -6.08
C LEU E 61 -3.61 6.90 -6.01
N ARG E 62 -4.19 5.71 -5.85
CA ARG E 62 -3.43 4.47 -5.75
C ARG E 62 -3.83 3.52 -6.87
N GLY E 63 -2.93 2.61 -7.20
CA GLY E 63 -3.15 1.67 -8.28
C GLY E 63 -1.89 1.36 -9.05
N HIS E 64 -0.90 2.24 -8.95
CA HIS E 64 0.40 1.99 -9.55
C HIS E 64 1.21 1.04 -8.67
N LEU E 65 1.95 0.14 -9.31
CA LEU E 65 2.72 -0.87 -8.61
C LEU E 65 4.22 -0.70 -8.82
N ALA E 66 4.66 0.53 -9.08
CA ALA E 66 6.07 0.82 -9.30
C ALA E 66 6.28 2.32 -9.13
N LYS E 67 7.53 2.75 -9.34
CA LYS E 67 7.86 4.17 -9.21
C LYS E 67 7.13 5.00 -10.25
N ILE E 68 6.67 6.18 -9.84
CA ILE E 68 5.99 7.12 -10.72
C ILE E 68 7.02 8.12 -11.21
N TYR E 69 7.17 8.24 -12.54
CA TYR E 69 8.20 9.09 -13.12
C TYR E 69 7.68 10.34 -13.80
N ALA E 70 6.39 10.39 -14.15
CA ALA E 70 5.86 11.56 -14.83
C ALA E 70 4.36 11.66 -14.56
N MET E 71 3.82 12.86 -14.80
CA MET E 71 2.41 13.14 -14.61
C MET E 71 2.10 14.46 -15.28
N HIS E 72 0.93 14.53 -15.92
CA HIS E 72 0.49 15.75 -16.57
C HIS E 72 -0.98 15.97 -16.31
N TRP E 73 -1.36 17.24 -16.14
CA TRP E 73 -2.74 17.63 -15.89
C TRP E 73 -3.50 17.82 -17.19
N GLY E 74 -4.78 17.46 -17.17
CA GLY E 74 -5.64 17.76 -18.29
C GLY E 74 -5.99 19.24 -18.37
N THR E 75 -6.35 19.68 -19.58
CA THR E 75 -6.67 21.09 -19.77
C THR E 75 -7.94 21.50 -19.03
N ASP E 76 -8.80 20.54 -18.67
CA ASP E 76 -10.03 20.83 -17.93
C ASP E 76 -9.84 20.72 -16.43
N SER E 77 -8.62 20.47 -15.96
CA SER E 77 -8.29 20.41 -14.54
C SER E 77 -9.06 19.32 -13.82
N ARG E 78 -9.43 18.25 -14.52
CA ARG E 78 -10.16 17.15 -13.90
C ARG E 78 -9.51 15.81 -14.22
N LEU E 79 -8.87 15.70 -15.38
CA LEU E 79 -8.28 14.45 -15.82
C LEU E 79 -6.76 14.50 -15.68
N LEU E 80 -6.20 13.39 -15.19
CA LEU E 80 -4.77 13.25 -14.99
C LEU E 80 -4.24 12.09 -15.81
N VAL E 81 -2.92 12.05 -15.94
CA VAL E 81 -2.22 10.94 -16.59
C VAL E 81 -0.91 10.72 -15.82
N SER E 82 -0.54 9.44 -15.67
CA SER E 82 0.65 9.10 -14.90
C SER E 82 1.29 7.84 -15.47
N ALA E 83 2.60 7.87 -15.62
CA ALA E 83 3.37 6.75 -16.14
C ALA E 83 4.24 6.17 -15.03
N SER E 84 4.44 4.86 -15.04
CA SER E 84 5.21 4.18 -14.01
C SER E 84 6.06 3.08 -14.64
N GLN E 85 7.01 2.59 -13.83
CA GLN E 85 7.89 1.50 -14.26
C GLN E 85 7.14 0.19 -14.51
N ASP E 86 5.93 0.04 -13.99
CA ASP E 86 5.18 -1.20 -14.17
C ASP E 86 4.73 -1.40 -15.62
N GLY E 87 4.84 -0.39 -16.47
CA GLY E 87 4.40 -0.49 -17.84
C GLY E 87 2.96 -0.12 -18.08
N LYS E 88 2.29 0.51 -17.13
CA LYS E 88 0.89 0.88 -17.24
C LYS E 88 0.75 2.40 -17.32
N LEU E 89 -0.18 2.85 -18.16
CA LEU E 89 -0.51 4.25 -18.32
C LEU E 89 -1.95 4.46 -17.89
N ILE E 90 -2.14 5.17 -16.77
CA ILE E 90 -3.45 5.30 -16.15
C ILE E 90 -3.92 6.74 -16.29
N ILE E 91 -5.19 6.91 -16.64
CA ILE E 91 -5.84 8.22 -16.72
C ILE E 91 -6.84 8.29 -15.57
N TRP E 92 -6.65 9.27 -14.69
CA TRP E 92 -7.44 9.38 -13.47
C TRP E 92 -8.51 10.46 -13.60
N ASP E 93 -9.64 10.23 -12.93
CA ASP E 93 -10.64 11.27 -12.70
C ASP E 93 -10.30 11.92 -11.37
N SER E 94 -9.69 13.10 -11.42
CA SER E 94 -9.13 13.73 -10.22
C SER E 94 -10.19 14.10 -9.20
N TYR E 95 -11.47 14.16 -9.57
CA TYR E 95 -12.51 14.52 -8.61
C TYR E 95 -12.98 13.31 -7.83
N THR E 96 -13.40 12.26 -8.52
CA THR E 96 -13.96 11.07 -7.88
C THR E 96 -12.97 9.91 -7.79
N THR E 97 -11.70 10.14 -8.16
CA THR E 97 -10.65 9.13 -8.04
C THR E 97 -10.99 7.84 -8.81
N ASN E 98 -11.55 8.01 -9.98
CA ASN E 98 -11.82 6.78 -10.72
C ASN E 98 -10.75 6.68 -11.78
N LYS E 99 -10.59 5.54 -12.38
CA LYS E 99 -9.64 5.28 -13.45
C LYS E 99 -10.41 5.25 -14.77
N VAL E 100 -10.13 6.22 -15.64
CA VAL E 100 -10.83 6.31 -16.92
C VAL E 100 -10.22 5.35 -17.93
N HIS E 101 -8.89 5.35 -18.05
CA HIS E 101 -8.20 4.53 -19.02
C HIS E 101 -7.00 3.86 -18.36
N ALA E 102 -6.59 2.72 -18.92
CA ALA E 102 -5.39 2.02 -18.49
C ALA E 102 -4.71 1.49 -19.74
N ILE E 103 -3.60 2.11 -20.12
CA ILE E 103 -2.92 1.84 -21.39
C ILE E 103 -1.65 1.05 -21.08
N PRO E 104 -1.54 -0.21 -21.54
CA PRO E 104 -0.30 -0.97 -21.35
C PRO E 104 0.76 -0.54 -22.34
N LEU E 105 1.94 -0.19 -21.83
CA LEU E 105 3.03 0.26 -22.68
C LEU E 105 3.83 -0.93 -23.21
N ARG E 106 4.58 -0.69 -24.28
CA ARG E 106 5.47 -1.73 -24.81
C ARG E 106 6.73 -1.86 -23.97
N SER E 107 7.35 -0.73 -23.62
CA SER E 107 8.55 -0.72 -22.81
C SER E 107 8.22 -0.18 -21.42
N SER E 108 8.65 -0.91 -20.40
CA SER E 108 8.37 -0.53 -19.01
C SER E 108 9.22 0.65 -18.54
N TRP E 109 10.22 1.06 -19.31
CA TRP E 109 11.12 2.13 -18.92
C TRP E 109 10.63 3.44 -19.54
N VAL E 110 9.71 4.08 -18.84
CA VAL E 110 9.11 5.35 -19.24
C VAL E 110 9.60 6.43 -18.28
N MET E 111 10.11 7.53 -18.85
CA MET E 111 10.68 8.62 -18.07
C MET E 111 9.89 9.91 -18.17
N THR E 112 9.01 10.05 -19.15
CA THR E 112 8.20 11.25 -19.30
C THR E 112 6.85 10.87 -19.87
N CYS E 113 5.87 11.74 -19.66
CA CYS E 113 4.53 11.37 -20.10
C CYS E 113 3.64 12.61 -20.14
N ALA E 114 3.08 12.92 -21.31
CA ALA E 114 2.42 14.20 -21.54
C ALA E 114 0.95 14.00 -21.90
N TYR E 115 0.18 15.08 -21.77
CA TYR E 115 -1.25 15.08 -22.05
C TYR E 115 -1.56 16.17 -23.06
N ALA E 116 -2.38 15.85 -24.06
CA ALA E 116 -2.69 16.79 -25.12
C ALA E 116 -3.56 17.94 -24.60
N PRO E 117 -3.40 19.14 -25.16
CA PRO E 117 -4.25 20.27 -24.74
C PRO E 117 -5.71 20.12 -25.12
N SER E 118 -6.04 19.23 -26.07
CA SER E 118 -7.41 19.01 -26.46
C SER E 118 -8.04 17.78 -25.82
N GLY E 119 -7.24 16.95 -25.14
CA GLY E 119 -7.74 15.75 -24.51
C GLY E 119 -7.92 14.58 -25.43
N ASN E 120 -7.57 14.71 -26.71
CA ASN E 120 -7.78 13.64 -27.68
C ASN E 120 -6.65 12.61 -27.68
N TYR E 121 -5.41 13.06 -27.49
CA TYR E 121 -4.24 12.20 -27.58
C TYR E 121 -3.47 12.18 -26.27
N VAL E 122 -2.54 11.25 -26.17
CA VAL E 122 -1.61 11.18 -25.05
C VAL E 122 -0.27 10.62 -25.54
N ALA E 123 0.78 11.42 -25.42
CA ALA E 123 2.12 10.99 -25.79
C ALA E 123 2.92 10.70 -24.52
N CYS E 124 3.59 9.56 -24.51
CA CYS E 124 4.14 9.08 -23.25
C CYS E 124 5.25 8.08 -23.55
N GLY E 125 6.50 8.48 -23.31
CA GLY E 125 7.65 7.72 -23.75
C GLY E 125 8.80 7.81 -22.76
N GLY E 126 9.91 7.15 -23.10
CA GLY E 126 11.02 7.01 -22.17
C GLY E 126 12.30 6.45 -22.74
N LEU E 127 12.91 5.50 -22.02
CA LEU E 127 14.23 4.97 -22.36
C LEU E 127 14.27 4.23 -23.69
N ASP E 128 13.13 3.92 -24.28
CA ASP E 128 13.09 3.21 -25.55
C ASP E 128 13.42 4.09 -26.74
N ASN E 129 13.79 5.36 -26.51
CA ASN E 129 14.19 6.30 -27.56
C ASN E 129 13.06 6.62 -28.53
N ILE E 130 11.83 6.27 -28.17
CA ILE E 130 10.67 6.42 -29.05
C ILE E 130 9.57 7.15 -28.29
N CYS E 131 8.96 8.13 -28.94
CA CYS E 131 7.84 8.87 -28.38
C CYS E 131 6.56 8.27 -28.92
N SER E 132 5.88 7.48 -28.09
CA SER E 132 4.64 6.82 -28.51
C SER E 132 3.45 7.72 -28.22
N ILE E 133 2.57 7.85 -29.21
CA ILE E 133 1.39 8.71 -29.11
C ILE E 133 0.17 7.82 -29.22
N TYR E 134 -0.74 7.96 -28.26
CA TYR E 134 -1.92 7.13 -28.16
C TYR E 134 -3.17 7.96 -28.40
N ASN E 135 -4.15 7.37 -29.09
CA ASN E 135 -5.40 8.05 -29.39
C ASN E 135 -6.47 7.54 -28.42
N LEU E 136 -7.13 8.48 -27.73
CA LEU E 136 -8.13 8.12 -26.74
C LEU E 136 -9.54 8.08 -27.32
N LYS E 137 -9.88 9.01 -28.21
CA LYS E 137 -11.22 9.08 -28.78
C LYS E 137 -11.28 8.28 -30.09
N THR E 138 -11.23 6.97 -29.94
CA THR E 138 -11.32 6.07 -31.08
C THR E 138 -12.73 5.50 -31.19
N ARG E 139 -13.09 5.14 -32.42
CA ARG E 139 -14.42 4.59 -32.71
C ARG E 139 -14.57 3.14 -32.26
N GLU E 140 -13.47 2.43 -32.02
CA GLU E 140 -13.51 1.04 -31.60
C GLU E 140 -13.62 0.87 -30.09
N GLY E 141 -13.56 1.97 -29.33
CA GLY E 141 -13.71 1.92 -27.90
C GLY E 141 -12.44 1.67 -27.10
N ASN E 142 -11.33 1.40 -27.76
CA ASN E 142 -10.06 1.14 -27.10
C ASN E 142 -9.05 2.23 -27.45
N VAL E 143 -7.92 2.19 -26.75
CA VAL E 143 -6.84 3.15 -26.95
C VAL E 143 -5.76 2.46 -27.79
N ARG E 144 -5.43 3.07 -28.93
CA ARG E 144 -4.48 2.52 -29.87
C ARG E 144 -3.27 3.43 -30.01
N VAL E 145 -2.15 2.85 -30.42
CA VAL E 145 -0.91 3.59 -30.64
C VAL E 145 -1.03 4.23 -32.03
N SER E 146 -1.33 5.53 -32.07
CA SER E 146 -1.52 6.21 -33.34
C SER E 146 -0.20 6.30 -34.12
N ARG E 147 0.86 6.78 -33.46
CA ARG E 147 2.14 6.96 -34.12
C ARG E 147 3.26 6.73 -33.11
N GLU E 148 4.36 6.15 -33.58
CA GLU E 148 5.58 5.98 -32.80
C GLU E 148 6.68 6.80 -33.46
N LEU E 149 7.14 7.84 -32.79
CA LEU E 149 8.16 8.73 -33.35
C LEU E 149 9.54 8.22 -33.00
N ALA E 150 10.39 8.09 -34.02
CA ALA E 150 11.75 7.60 -33.84
C ALA E 150 12.72 8.55 -34.52
N GLY E 151 13.98 8.53 -34.06
CA GLY E 151 14.99 9.42 -34.59
C GLY E 151 15.92 9.96 -33.53
N HIS E 152 15.68 9.61 -32.27
CA HIS E 152 16.52 10.01 -31.17
C HIS E 152 17.42 8.84 -30.75
N THR E 153 18.70 9.14 -30.51
CA THR E 153 19.67 8.14 -30.11
C THR E 153 19.90 8.11 -28.59
N GLY E 154 19.08 8.82 -27.83
CA GLY E 154 19.21 8.83 -26.39
C GLY E 154 17.84 8.81 -25.74
N TYR E 155 17.86 8.59 -24.42
CA TYR E 155 16.63 8.49 -23.64
C TYR E 155 15.81 9.76 -23.77
N LEU E 156 14.49 9.63 -23.74
CA LEU E 156 13.57 10.73 -24.02
C LEU E 156 13.06 11.32 -22.70
N SER E 157 12.79 12.62 -22.72
CA SER E 157 12.31 13.30 -21.54
C SER E 157 11.50 14.54 -21.94
N CYS E 158 10.47 14.82 -21.14
CA CYS E 158 9.64 16.02 -21.26
C CYS E 158 9.06 16.19 -22.67
N CYS E 159 8.19 15.25 -23.02
CA CYS E 159 7.31 15.45 -24.16
C CYS E 159 6.33 16.57 -23.86
N ARG E 160 6.05 17.41 -24.86
CA ARG E 160 5.09 18.50 -24.67
C ARG E 160 4.33 18.71 -25.97
N PHE E 161 3.00 18.59 -25.90
CA PHE E 161 2.16 18.81 -27.06
C PHE E 161 2.02 20.30 -27.38
N LEU E 162 2.22 20.64 -28.65
CA LEU E 162 1.88 21.97 -29.14
C LEU E 162 0.43 22.04 -29.63
N ASP E 163 0.05 21.13 -30.52
CA ASP E 163 -1.31 20.98 -31.01
C ASP E 163 -1.62 19.49 -31.06
N ASP E 164 -2.71 19.12 -31.74
CA ASP E 164 -3.03 17.72 -31.94
C ASP E 164 -2.14 17.05 -32.96
N ASN E 165 -1.32 17.82 -33.69
CA ASN E 165 -0.47 17.28 -34.75
C ASN E 165 0.93 17.87 -34.70
N GLN E 166 1.41 18.23 -33.51
CA GLN E 166 2.71 18.87 -33.37
C GLN E 166 3.17 18.74 -31.94
N ILE E 167 4.37 18.18 -31.73
CA ILE E 167 4.88 17.89 -30.39
C ILE E 167 6.38 18.18 -30.35
N VAL E 168 6.85 18.70 -29.22
CA VAL E 168 8.26 18.95 -28.96
C VAL E 168 8.76 17.91 -27.96
N THR E 169 9.92 17.32 -28.23
CA THR E 169 10.51 16.29 -27.39
C THR E 169 11.94 16.66 -27.05
N SER E 170 12.42 16.10 -25.94
CA SER E 170 13.79 16.28 -25.49
C SER E 170 14.43 14.92 -25.22
N SER E 171 15.74 14.83 -25.50
CA SER E 171 16.46 13.58 -25.37
C SER E 171 17.83 13.84 -24.76
N GLY E 172 18.56 12.75 -24.52
CA GLY E 172 19.92 12.79 -24.04
C GLY E 172 20.96 13.04 -25.10
N ASP E 173 20.55 13.25 -26.34
CA ASP E 173 21.46 13.56 -27.45
C ASP E 173 21.96 15.00 -27.42
N THR E 174 21.79 15.71 -26.31
CA THR E 174 22.11 17.13 -26.17
C THR E 174 21.32 17.99 -27.14
N THR E 175 20.17 17.52 -27.60
CA THR E 175 19.35 18.23 -28.57
C THR E 175 17.87 17.94 -28.31
N CYS E 176 17.03 18.86 -28.74
CA CYS E 176 15.58 18.69 -28.73
C CYS E 176 15.06 18.70 -30.16
N ALA E 177 13.85 18.18 -30.34
CA ALA E 177 13.29 18.00 -31.67
C ALA E 177 11.84 18.48 -31.69
N LEU E 178 11.43 18.95 -32.86
CA LEU E 178 10.05 19.32 -33.14
C LEU E 178 9.49 18.37 -34.18
N TRP E 179 8.38 17.72 -33.86
CA TRP E 179 7.86 16.62 -34.65
C TRP E 179 6.55 17.01 -35.32
N ASP E 180 6.20 16.25 -36.35
CA ASP E 180 4.91 16.33 -37.03
C ASP E 180 4.27 14.95 -36.92
N ILE E 181 3.19 14.85 -36.14
CA ILE E 181 2.61 13.55 -35.83
C ILE E 181 2.02 12.89 -37.07
N GLU E 182 1.44 13.69 -37.97
CA GLU E 182 0.81 13.14 -39.15
C GLU E 182 1.82 12.41 -40.03
N THR E 183 2.81 13.13 -40.54
CA THR E 183 3.82 12.52 -41.39
C THR E 183 4.74 11.61 -40.59
N GLY E 184 5.15 12.05 -39.42
CA GLY E 184 6.07 11.30 -38.58
C GLY E 184 7.52 11.70 -38.70
N GLN E 185 7.83 12.76 -39.44
CA GLN E 185 9.20 13.19 -39.66
C GLN E 185 9.56 14.33 -38.72
N GLN E 186 10.84 14.42 -38.40
CA GLN E 186 11.36 15.46 -37.49
C GLN E 186 11.44 16.77 -38.26
N THR E 187 10.46 17.65 -38.03
CA THR E 187 10.40 18.91 -38.77
C THR E 187 11.59 19.81 -38.45
N THR E 188 11.89 19.97 -37.16
CA THR E 188 12.96 20.85 -36.74
C THR E 188 13.78 20.18 -35.64
N THR E 189 15.08 20.44 -35.64
CA THR E 189 16.00 19.94 -34.63
C THR E 189 16.74 21.12 -34.03
N PHE E 190 16.76 21.18 -32.70
CA PHE E 190 17.39 22.27 -31.97
C PHE E 190 18.67 21.74 -31.31
N THR E 191 19.81 22.31 -31.69
CA THR E 191 21.10 21.89 -31.17
C THR E 191 21.79 23.06 -30.48
N GLY E 192 22.77 22.73 -29.64
CA GLY E 192 23.53 23.75 -28.94
C GLY E 192 23.93 23.36 -27.54
N HIS E 193 23.23 22.39 -26.95
CA HIS E 193 23.57 21.92 -25.61
C HIS E 193 24.81 21.04 -25.66
N THR E 194 25.53 21.01 -24.54
CA THR E 194 26.72 20.17 -24.39
C THR E 194 26.53 19.12 -23.31
N GLY E 195 25.30 18.65 -23.14
CA GLY E 195 24.99 17.64 -22.16
C GLY E 195 23.56 17.20 -22.31
N ASP E 196 23.22 16.13 -21.59
CA ASP E 196 21.88 15.57 -21.68
C ASP E 196 20.84 16.61 -21.27
N VAL E 197 19.80 16.75 -22.09
CA VAL E 197 18.73 17.71 -21.82
C VAL E 197 17.66 17.00 -21.01
N MET E 198 17.41 17.49 -19.79
CA MET E 198 16.57 16.78 -18.84
C MET E 198 15.13 17.27 -18.80
N SER E 199 14.86 18.49 -19.28
CA SER E 199 13.51 19.02 -19.17
C SER E 199 13.29 20.12 -20.19
N LEU E 200 12.03 20.38 -20.49
CA LEU E 200 11.62 21.53 -21.27
C LEU E 200 10.21 21.92 -20.86
N SER E 201 9.85 23.18 -21.12
CA SER E 201 8.52 23.68 -20.83
C SER E 201 8.10 24.62 -21.95
N LEU E 202 6.82 24.57 -22.30
CA LEU E 202 6.29 25.39 -23.39
C LEU E 202 5.69 26.68 -22.85
N ALA E 203 6.00 27.79 -23.51
CA ALA E 203 5.49 29.08 -23.07
C ALA E 203 3.98 29.17 -23.33
N PRO E 204 3.29 30.02 -22.56
CA PRO E 204 1.83 30.17 -22.79
C PRO E 204 1.49 30.63 -24.19
N ASP E 205 2.31 31.47 -24.82
CA ASP E 205 2.04 31.92 -26.18
C ASP E 205 2.47 30.90 -27.23
N THR E 206 2.82 29.67 -26.81
CA THR E 206 3.09 28.52 -27.67
C THR E 206 3.99 28.85 -28.86
N ARG E 207 4.87 29.84 -28.69
CA ARG E 207 5.81 30.22 -29.74
C ARG E 207 7.26 30.14 -29.29
N LEU E 208 7.52 29.91 -28.00
CA LEU E 208 8.88 29.77 -27.49
C LEU E 208 8.88 28.70 -26.41
N PHE E 209 10.07 28.19 -26.12
CA PHE E 209 10.22 27.21 -25.05
C PHE E 209 11.67 27.22 -24.58
N VAL E 210 11.87 26.75 -23.35
CA VAL E 210 13.18 26.70 -22.72
C VAL E 210 13.46 25.26 -22.31
N SER E 211 14.72 24.84 -22.49
CA SER E 211 15.15 23.49 -22.17
C SER E 211 16.31 23.53 -21.20
N GLY E 212 16.22 22.75 -20.13
CA GLY E 212 17.29 22.64 -19.16
C GLY E 212 18.06 21.34 -19.40
N ALA E 213 19.39 21.48 -19.48
CA ALA E 213 20.26 20.36 -19.81
C ALA E 213 21.22 20.09 -18.66
N CYS E 214 22.10 19.12 -18.86
CA CYS E 214 23.06 18.69 -17.86
C CYS E 214 24.31 19.54 -17.82
N ASP E 215 24.46 20.49 -18.75
CA ASP E 215 25.61 21.38 -18.78
C ASP E 215 25.41 22.60 -17.90
N ALA E 216 24.48 22.54 -16.94
CA ALA E 216 24.21 23.64 -16.02
C ALA E 216 23.85 24.93 -16.77
N SER E 217 23.06 24.77 -17.84
CA SER E 217 22.63 25.93 -18.63
C SER E 217 21.26 25.64 -19.22
N ALA E 218 20.40 26.65 -19.17
CA ALA E 218 19.10 26.62 -19.83
C ALA E 218 19.04 27.74 -20.85
N LYS E 219 18.61 27.41 -22.06
CA LYS E 219 18.66 28.35 -23.18
C LYS E 219 17.31 28.41 -23.87
N LEU E 220 16.90 29.62 -24.24
CA LEU E 220 15.59 29.87 -24.84
C LEU E 220 15.66 29.59 -26.34
N TRP E 221 14.70 28.83 -26.84
CA TRP E 221 14.65 28.40 -28.23
C TRP E 221 13.37 28.86 -28.90
N ASP E 222 13.45 29.07 -30.21
CA ASP E 222 12.32 29.50 -31.02
C ASP E 222 11.79 28.30 -31.79
N VAL E 223 10.49 28.02 -31.65
CA VAL E 223 9.90 26.86 -32.33
C VAL E 223 9.76 27.09 -33.83
N ARG E 224 9.58 28.33 -34.28
CA ARG E 224 9.37 28.61 -35.69
C ARG E 224 10.67 28.67 -36.47
N GLU E 225 11.72 29.24 -35.88
CA GLU E 225 13.00 29.42 -36.58
C GLU E 225 14.07 28.43 -36.17
N GLY E 226 13.90 27.75 -35.04
CA GLY E 226 14.95 26.86 -34.56
C GLY E 226 16.23 27.56 -34.19
N MET E 227 16.13 28.70 -33.51
CA MET E 227 17.27 29.53 -33.17
C MET E 227 17.38 29.69 -31.66
N CYS E 228 18.59 29.52 -31.13
CA CYS E 228 18.84 29.73 -29.71
C CYS E 228 18.90 31.24 -29.47
N ARG E 229 17.76 31.81 -29.10
CA ARG E 229 17.66 33.25 -28.93
C ARG E 229 18.53 33.75 -27.78
N GLN E 230 18.53 33.02 -26.66
CA GLN E 230 19.29 33.44 -25.49
C GLN E 230 19.65 32.21 -24.66
N THR E 231 20.71 32.34 -23.88
CA THR E 231 21.15 31.29 -22.97
C THR E 231 21.28 31.85 -21.56
N PHE E 232 21.06 30.99 -20.57
CA PHE E 232 21.05 31.40 -19.17
C PHE E 232 21.96 30.48 -18.38
N THR E 233 22.80 31.07 -17.53
CA THR E 233 23.76 30.34 -16.72
C THR E 233 23.62 30.75 -15.26
N GLY E 234 24.36 30.05 -14.39
CA GLY E 234 24.36 30.37 -12.98
C GLY E 234 24.34 29.16 -12.07
N HIS E 235 23.73 28.07 -12.53
CA HIS E 235 23.68 26.85 -11.74
C HIS E 235 25.05 26.19 -11.66
N GLU E 236 25.29 25.50 -10.55
CA GLU E 236 26.53 24.77 -10.36
C GLU E 236 26.45 23.31 -10.78
N SER E 237 25.25 22.75 -10.85
CA SER E 237 25.08 21.36 -11.26
C SER E 237 24.07 21.25 -12.40
N ASP E 238 23.73 20.02 -12.79
CA ASP E 238 22.81 19.81 -13.89
C ASP E 238 21.40 20.29 -13.54
N ILE E 239 20.74 20.91 -14.51
CA ILE E 239 19.37 21.38 -14.32
C ILE E 239 18.42 20.20 -14.52
N ASN E 240 17.49 20.03 -13.58
CA ASN E 240 16.60 18.88 -13.57
C ASN E 240 15.17 19.19 -13.95
N ALA E 241 14.73 20.44 -13.81
CA ALA E 241 13.36 20.82 -14.13
C ALA E 241 13.32 22.29 -14.52
N ILE E 242 12.22 22.67 -15.18
CA ILE E 242 12.07 24.05 -15.66
C ILE E 242 10.57 24.31 -15.85
N CYS E 243 10.18 25.57 -15.67
CA CYS E 243 8.79 25.98 -15.85
C CYS E 243 8.74 27.50 -15.96
N PHE E 244 7.90 27.98 -16.87
CA PHE E 244 7.73 29.42 -17.10
C PHE E 244 6.94 30.09 -15.99
N PHE E 245 7.18 31.38 -15.82
CA PHE E 245 6.26 32.23 -15.08
C PHE E 245 4.95 32.31 -15.86
N PRO E 246 3.81 32.47 -15.18
CA PRO E 246 2.52 32.42 -15.90
C PRO E 246 2.37 33.42 -17.04
N ASN E 247 3.07 34.56 -16.99
CA ASN E 247 2.95 35.54 -18.06
C ASN E 247 3.89 35.26 -19.23
N GLY E 248 4.70 34.21 -19.15
CA GLY E 248 5.63 33.89 -20.22
C GLY E 248 6.73 34.91 -20.41
N ASN E 249 7.21 35.52 -19.32
CA ASN E 249 8.33 36.44 -19.36
C ASN E 249 9.47 36.03 -18.43
N ALA E 250 9.33 34.93 -17.72
CA ALA E 250 10.37 34.44 -16.83
C ALA E 250 10.14 32.95 -16.60
N PHE E 251 11.16 32.28 -16.08
CA PHE E 251 11.05 30.85 -15.80
C PHE E 251 11.93 30.52 -14.59
N ALA E 252 11.61 29.38 -13.97
CA ALA E 252 12.32 28.90 -12.79
C ALA E 252 12.88 27.52 -13.08
N THR E 253 14.09 27.25 -12.58
CA THR E 253 14.78 26.00 -12.81
C THR E 253 15.09 25.32 -11.49
N GLY E 254 15.21 23.99 -11.55
CA GLY E 254 15.62 23.20 -10.41
C GLY E 254 16.77 22.30 -10.75
N SER E 255 17.82 22.31 -9.94
CA SER E 255 19.05 21.60 -10.23
C SER E 255 19.40 20.64 -9.10
N ASP E 256 20.42 19.81 -9.35
CA ASP E 256 20.99 18.96 -8.31
C ASP E 256 21.77 19.76 -7.28
N ASP E 257 22.02 21.04 -7.54
CA ASP E 257 22.70 21.94 -6.62
C ASP E 257 21.85 22.30 -5.41
N ALA E 258 20.63 21.75 -5.31
CA ALA E 258 19.70 22.06 -4.23
C ALA E 258 19.32 23.54 -4.20
N THR E 259 19.34 24.18 -5.37
CA THR E 259 19.00 25.58 -5.49
C THR E 259 18.00 25.78 -6.62
N CYS E 260 17.08 26.71 -6.44
CA CYS E 260 16.16 27.13 -7.48
C CYS E 260 16.46 28.58 -7.85
N ARG E 261 16.31 28.90 -9.14
CA ARG E 261 16.67 30.21 -9.64
C ARG E 261 15.59 30.70 -10.60
N LEU E 262 15.42 32.02 -10.65
CA LEU E 262 14.41 32.66 -11.49
C LEU E 262 15.12 33.55 -12.50
N PHE E 263 14.99 33.22 -13.78
CA PHE E 263 15.62 33.95 -14.86
C PHE E 263 14.58 34.74 -15.64
N ASP E 264 14.95 35.96 -16.05
CA ASP E 264 14.06 36.83 -16.80
C ASP E 264 14.50 36.84 -18.26
N LEU E 265 13.55 36.59 -19.17
CA LEU E 265 13.86 36.55 -20.60
C LEU E 265 14.28 37.93 -21.14
N ARG E 266 13.66 39.00 -20.66
CA ARG E 266 13.96 40.33 -21.16
C ARG E 266 15.28 40.88 -20.61
N ALA E 267 15.59 40.60 -19.34
CA ALA E 267 16.83 41.09 -18.75
C ALA E 267 18.00 40.15 -18.96
N ASP E 268 17.76 38.91 -19.36
CA ASP E 268 18.78 37.89 -19.58
C ASP E 268 19.63 37.62 -18.35
N GLN E 269 19.11 37.91 -17.16
CA GLN E 269 19.85 37.68 -15.92
C GLN E 269 18.92 37.09 -14.88
N GLU E 270 19.48 36.23 -14.02
CA GLU E 270 18.70 35.64 -12.94
C GLU E 270 18.28 36.74 -11.96
N LEU E 271 17.09 36.56 -11.39
CA LEU E 271 16.54 37.57 -10.49
C LEU E 271 16.84 37.26 -9.02
N MET E 272 16.59 36.04 -8.58
CA MET E 272 16.87 35.66 -7.19
C MET E 272 17.01 34.15 -7.12
N THR E 273 17.57 33.70 -6.01
CA THR E 273 17.82 32.29 -5.73
C THR E 273 16.93 31.84 -4.58
N TYR E 274 16.61 30.54 -4.57
CA TYR E 274 15.69 29.95 -3.60
C TYR E 274 16.39 28.85 -2.82
N SER E 275 17.58 29.15 -2.33
CA SER E 275 18.38 28.20 -1.57
C SER E 275 18.12 28.37 -0.07
N HIS E 276 18.04 27.24 0.63
CA HIS E 276 17.92 27.22 2.08
C HIS E 276 19.03 26.37 2.66
N ASP E 277 19.54 26.78 3.83
CA ASP E 277 20.69 26.11 4.42
C ASP E 277 20.37 24.68 4.81
N ASN E 278 19.11 24.38 5.12
CA ASN E 278 18.73 23.04 5.54
C ASN E 278 18.54 22.08 4.38
N ILE E 279 18.54 22.57 3.14
CA ILE E 279 18.32 21.74 1.97
C ILE E 279 19.66 21.19 1.50
N ILE E 280 19.73 19.87 1.32
CA ILE E 280 20.93 19.20 0.84
C ILE E 280 20.73 18.60 -0.54
N CYS E 281 19.62 17.90 -0.74
CA CYS E 281 19.36 17.19 -1.99
C CYS E 281 18.80 18.14 -3.05
N GLY E 282 19.00 17.76 -4.31
CA GLY E 282 18.59 18.59 -5.43
C GLY E 282 17.10 18.54 -5.72
N ILE E 283 16.65 19.51 -6.53
CA ILE E 283 15.26 19.64 -6.93
C ILE E 283 14.96 18.70 -8.08
N THR E 284 13.80 18.05 -8.02
CA THR E 284 13.35 17.17 -9.08
C THR E 284 12.33 17.80 -10.02
N SER E 285 11.37 18.56 -9.47
CA SER E 285 10.32 19.17 -10.27
C SER E 285 10.13 20.63 -9.86
N VAL E 286 9.66 21.43 -10.81
CA VAL E 286 9.42 22.85 -10.57
C VAL E 286 8.07 23.21 -11.19
N SER E 287 7.26 23.94 -10.44
CA SER E 287 5.95 24.36 -10.91
C SER E 287 5.59 25.70 -10.29
N PHE E 288 4.67 26.41 -10.95
CA PHE E 288 4.21 27.71 -10.51
C PHE E 288 2.72 27.67 -10.22
N SER E 289 2.26 28.64 -9.43
CA SER E 289 0.84 28.79 -9.18
C SER E 289 0.20 29.60 -10.29
N LYS E 290 -1.13 29.70 -10.24
CA LYS E 290 -1.86 30.45 -11.27
C LYS E 290 -1.52 31.94 -11.22
N SER E 291 -1.18 32.45 -10.04
CA SER E 291 -0.86 33.87 -9.89
C SER E 291 0.59 34.19 -10.16
N GLY E 292 1.50 33.24 -9.94
CA GLY E 292 2.91 33.49 -10.10
C GLY E 292 3.54 34.02 -8.82
N ARG E 293 3.13 33.46 -7.69
CA ARG E 293 3.65 33.89 -6.40
C ARG E 293 4.23 32.73 -5.59
N LEU E 294 3.62 31.55 -5.66
CA LEU E 294 4.10 30.37 -4.97
C LEU E 294 4.84 29.49 -5.98
N LEU E 295 6.11 29.24 -5.72
CA LEU E 295 6.94 28.39 -6.58
C LEU E 295 7.09 27.05 -5.87
N LEU E 296 6.32 26.06 -6.33
CA LEU E 296 6.39 24.72 -5.75
C LEU E 296 7.53 23.93 -6.38
N ALA E 297 8.29 23.24 -5.53
CA ALA E 297 9.43 22.48 -5.99
C ALA E 297 9.50 21.16 -5.23
N GLY E 298 9.73 20.08 -5.97
CA GLY E 298 9.88 18.76 -5.38
C GLY E 298 11.35 18.45 -5.15
N TYR E 299 11.64 17.85 -3.99
CA TYR E 299 13.00 17.57 -3.58
C TYR E 299 13.19 16.06 -3.41
N ASP E 300 14.46 15.66 -3.31
CA ASP E 300 14.77 14.25 -3.16
C ASP E 300 14.62 13.75 -1.73
N ASP E 301 14.41 14.64 -0.77
CA ASP E 301 14.22 14.25 0.62
C ASP E 301 12.76 14.02 0.96
N PHE E 302 11.95 13.61 -0.02
CA PHE E 302 10.60 13.06 0.13
C PHE E 302 9.53 14.12 0.38
N ASN E 303 9.87 15.40 0.46
CA ASN E 303 8.91 16.44 0.75
C ASN E 303 9.06 17.60 -0.24
N CYS E 304 7.95 18.26 -0.53
CA CYS E 304 7.93 19.42 -1.41
C CYS E 304 7.86 20.70 -0.57
N ASN E 305 8.51 21.75 -1.05
CA ASN E 305 8.53 23.03 -0.38
C ASN E 305 7.82 24.08 -1.24
N VAL E 306 7.15 25.02 -0.60
CA VAL E 306 6.47 26.12 -1.28
C VAL E 306 7.28 27.38 -1.04
N TRP E 307 7.78 27.98 -2.10
CA TRP E 307 8.60 29.17 -2.03
C TRP E 307 7.81 30.38 -2.50
N ASP E 308 7.84 31.45 -1.70
CA ASP E 308 7.28 32.74 -2.11
C ASP E 308 8.21 33.31 -3.17
N ALA E 309 7.77 33.30 -4.43
CA ALA E 309 8.64 33.56 -5.56
C ALA E 309 9.17 34.99 -5.59
N LEU E 310 8.67 35.85 -4.71
CA LEU E 310 9.11 37.24 -4.66
C LEU E 310 10.03 37.54 -3.49
N LYS E 311 10.00 36.76 -2.42
CA LYS E 311 10.83 37.02 -1.25
C LYS E 311 11.71 35.83 -0.86
N ALA E 312 11.66 34.73 -1.60
CA ALA E 312 12.48 33.54 -1.33
C ALA E 312 12.29 33.04 0.10
N ASP E 313 11.05 33.07 0.58
CA ASP E 313 10.70 32.61 1.91
C ASP E 313 9.89 31.32 1.79
N ARG E 314 10.25 30.32 2.60
CA ARG E 314 9.51 29.06 2.58
C ARG E 314 8.12 29.25 3.18
N ALA E 315 7.11 29.31 2.32
CA ALA E 315 5.74 29.51 2.76
C ALA E 315 5.00 28.19 2.95
N GLY E 316 5.59 27.30 3.73
CA GLY E 316 4.97 26.03 4.06
C GLY E 316 5.66 24.86 3.37
N VAL E 317 5.32 23.67 3.83
CA VAL E 317 5.88 22.42 3.31
C VAL E 317 4.75 21.42 3.16
N LEU E 318 4.74 20.72 2.02
CA LEU E 318 3.71 19.72 1.74
C LEU E 318 3.94 18.41 2.49
N ALA E 319 5.14 17.84 2.37
CA ALA E 319 5.49 16.58 3.03
C ALA E 319 4.52 15.47 2.66
N GLY E 320 4.37 14.49 3.52
CA GLY E 320 3.41 13.40 3.30
C GLY E 320 3.91 12.19 2.54
N HIS E 321 4.68 12.42 1.48
CA HIS E 321 5.15 11.32 0.65
C HIS E 321 6.23 10.52 1.38
N ASP E 322 6.36 9.26 0.98
CA ASP E 322 7.33 8.35 1.60
C ASP E 322 8.63 8.24 0.83
N ASN E 323 8.63 8.51 -0.47
CA ASN E 323 9.86 8.42 -1.27
C ASN E 323 10.07 9.69 -2.08
N ARG E 324 11.07 9.67 -2.95
CA ARG E 324 11.42 10.87 -3.72
C ARG E 324 10.24 11.33 -4.58
N VAL E 325 9.94 12.62 -4.51
CA VAL E 325 8.89 13.22 -5.33
C VAL E 325 9.46 13.45 -6.72
N SER E 326 8.88 12.79 -7.72
CA SER E 326 9.45 12.80 -9.06
C SER E 326 8.71 13.71 -10.04
N CYS E 327 7.51 14.18 -9.69
CA CYS E 327 6.75 15.00 -10.62
C CYS E 327 5.81 15.92 -9.84
N LEU E 328 5.61 17.11 -10.38
CA LEU E 328 4.71 18.11 -9.81
C LEU E 328 3.72 18.54 -10.88
N GLY E 329 2.55 19.01 -10.43
CA GLY E 329 1.54 19.48 -11.35
C GLY E 329 0.52 20.40 -10.70
N VAL E 330 0.26 21.53 -11.34
CA VAL E 330 -0.74 22.50 -10.88
C VAL E 330 -1.79 22.64 -11.98
N THR E 331 -3.06 22.58 -11.58
CA THR E 331 -4.15 22.66 -12.54
C THR E 331 -4.16 24.01 -13.24
N ASP E 332 -4.85 24.05 -14.38
CA ASP E 332 -4.92 25.29 -15.15
C ASP E 332 -5.64 26.38 -14.37
N ASP E 333 -6.71 26.02 -13.67
CA ASP E 333 -7.43 26.98 -12.83
C ASP E 333 -6.75 27.20 -11.48
N GLY E 334 -5.70 26.46 -11.17
CA GLY E 334 -4.97 26.64 -9.93
C GLY E 334 -5.67 26.13 -8.70
N MET E 335 -6.66 25.24 -8.86
CA MET E 335 -7.43 24.77 -7.72
C MET E 335 -6.70 23.75 -6.86
N ALA E 336 -5.77 23.00 -7.44
CA ALA E 336 -5.12 21.92 -6.70
C ALA E 336 -3.72 21.70 -7.25
N VAL E 337 -2.92 20.96 -6.47
CA VAL E 337 -1.56 20.59 -6.84
C VAL E 337 -1.45 19.07 -6.71
N ALA E 338 -0.97 18.42 -7.78
CA ALA E 338 -0.78 16.97 -7.79
C ALA E 338 0.70 16.65 -7.69
N THR E 339 1.03 15.68 -6.85
CA THR E 339 2.41 15.25 -6.65
C THR E 339 2.50 13.74 -6.83
N GLY E 340 3.59 13.30 -7.44
CA GLY E 340 3.85 11.88 -7.61
C GLY E 340 5.24 11.55 -7.10
N SER E 341 5.38 10.33 -6.60
CA SER E 341 6.62 9.90 -5.97
C SER E 341 6.91 8.45 -6.34
N TRP E 342 8.06 7.97 -5.90
CA TRP E 342 8.50 6.60 -6.18
C TRP E 342 7.80 5.57 -5.32
N ASP E 343 6.97 5.98 -4.36
CA ASP E 343 6.21 5.06 -3.53
C ASP E 343 4.91 4.61 -4.18
N SER E 344 4.70 4.94 -5.46
CA SER E 344 3.54 4.50 -6.24
C SER E 344 2.24 5.10 -5.71
N PHE E 345 2.27 6.39 -5.37
CA PHE E 345 1.09 7.09 -4.91
C PHE E 345 1.07 8.50 -5.49
N LEU E 346 -0.11 8.93 -5.93
CA LEU E 346 -0.34 10.32 -6.31
C LEU E 346 -1.21 10.99 -5.25
N LYS E 347 -0.81 12.18 -4.84
CA LYS E 347 -1.54 12.92 -3.82
C LYS E 347 -1.92 14.29 -4.36
N ILE E 348 -3.16 14.70 -4.10
CA ILE E 348 -3.70 15.97 -4.59
C ILE E 348 -3.89 16.89 -3.40
N TRP E 349 -3.27 18.07 -3.49
CA TRP E 349 -3.24 19.01 -2.37
C TRP E 349 -4.03 20.26 -2.71
N ASN E 350 -4.46 20.97 -1.67
CA ASN E 350 -5.22 22.20 -1.83
C ASN E 350 -5.06 23.08 -0.61
N ILE F 9 38.28 22.77 -36.42
CA ILE F 9 38.28 24.08 -37.07
C ILE F 9 36.89 24.37 -37.63
N ALA F 10 36.16 23.31 -37.99
CA ALA F 10 34.80 23.43 -38.52
C ALA F 10 33.73 23.25 -37.46
N GLN F 11 34.12 23.01 -36.20
CA GLN F 11 33.17 22.82 -35.11
C GLN F 11 32.90 24.09 -34.32
N ALA F 12 33.93 24.87 -34.03
CA ALA F 12 33.77 26.11 -33.28
C ALA F 12 33.46 27.31 -34.15
N ARG F 13 33.40 27.13 -35.47
CA ARG F 13 33.01 28.23 -36.35
C ARG F 13 31.59 28.68 -36.08
N LYS F 14 30.68 27.73 -35.86
CA LYS F 14 29.30 28.09 -35.54
C LYS F 14 29.17 28.58 -34.10
N LEU F 15 30.13 28.26 -33.24
CA LEU F 15 30.05 28.68 -31.84
C LEU F 15 30.13 30.20 -31.72
N VAL F 16 31.07 30.81 -32.41
CA VAL F 16 31.19 32.27 -32.37
C VAL F 16 30.00 32.93 -33.07
N GLU F 17 29.45 32.26 -34.08
CA GLU F 17 28.26 32.79 -34.76
C GLU F 17 27.07 32.87 -33.80
N GLN F 18 26.88 31.84 -32.97
CA GLN F 18 25.80 31.87 -31.99
C GLN F 18 26.01 32.99 -30.98
N LEU F 19 27.25 33.17 -30.51
CA LEU F 19 27.53 34.23 -29.55
C LEU F 19 27.32 35.61 -30.16
N LYS F 20 27.50 35.74 -31.48
CA LYS F 20 27.24 37.02 -32.14
C LYS F 20 25.77 37.40 -32.04
N MET F 21 24.87 36.42 -32.26
CA MET F 21 23.44 36.70 -32.14
C MET F 21 23.01 36.89 -30.70
N GLU F 22 23.61 36.13 -29.77
CA GLU F 22 23.26 36.23 -28.37
C GLU F 22 23.70 37.54 -27.72
N ALA F 23 24.68 38.24 -28.32
CA ALA F 23 25.14 39.51 -27.77
C ALA F 23 24.29 40.69 -28.21
N ASN F 24 23.68 40.61 -29.38
CA ASN F 24 22.84 41.70 -29.91
C ASN F 24 21.40 41.46 -29.46
N ILE F 25 21.15 41.75 -28.19
CA ILE F 25 19.83 41.61 -27.58
C ILE F 25 19.45 42.92 -26.92
N ASP F 26 18.25 43.41 -27.21
CA ASP F 26 17.72 44.63 -26.61
C ASP F 26 17.35 44.32 -25.15
N ARG F 27 18.28 44.59 -24.24
CA ARG F 27 18.11 44.24 -22.84
C ARG F 27 17.38 45.34 -22.09
N ILE F 28 16.76 44.95 -20.97
CA ILE F 28 15.98 45.85 -20.14
C ILE F 28 16.51 45.76 -18.71
N LYS F 29 16.54 46.90 -18.03
CA LYS F 29 17.00 46.96 -16.65
C LYS F 29 16.18 46.02 -15.78
N VAL F 30 16.86 45.34 -14.85
CA VAL F 30 16.17 44.41 -13.95
C VAL F 30 15.20 45.15 -13.04
N SER F 31 15.45 46.44 -12.81
CA SER F 31 14.54 47.22 -11.98
C SER F 31 13.16 47.30 -12.60
N LYS F 32 13.09 47.52 -13.93
CA LYS F 32 11.81 47.51 -14.61
C LYS F 32 11.24 46.10 -14.69
N ALA F 33 12.08 45.11 -14.96
CA ALA F 33 11.62 43.73 -15.06
C ALA F 33 11.06 43.23 -13.74
N ALA F 34 11.72 43.58 -12.63
CA ALA F 34 11.24 43.16 -11.32
C ALA F 34 9.86 43.74 -11.03
N ALA F 35 9.65 45.01 -11.37
CA ALA F 35 8.35 45.64 -11.15
C ALA F 35 7.27 44.99 -12.00
N ASP F 36 7.59 44.65 -13.24
CA ASP F 36 6.61 44.03 -14.13
C ASP F 36 6.16 42.68 -13.60
N LEU F 37 7.09 41.87 -13.10
CA LEU F 37 6.71 40.59 -12.50
C LEU F 37 5.94 40.79 -11.21
N MET F 38 6.23 41.87 -10.49
CA MET F 38 5.48 42.16 -9.27
C MET F 38 4.05 42.58 -9.59
N ALA F 39 3.86 43.35 -10.66
CA ALA F 39 2.53 43.81 -11.04
C ALA F 39 1.63 42.64 -11.43
N TYR F 40 2.17 41.68 -12.19
CA TYR F 40 1.35 40.55 -12.65
C TYR F 40 0.90 39.70 -11.48
N CYS F 41 1.80 39.40 -10.54
CA CYS F 41 1.43 38.57 -9.39
C CYS F 41 0.47 39.29 -8.46
N GLU F 42 0.44 40.62 -8.49
CA GLU F 42 -0.50 41.39 -7.68
C GLU F 42 -1.83 41.57 -8.39
N ALA F 43 -1.81 41.79 -9.71
CA ALA F 43 -3.05 41.91 -10.47
C ALA F 43 -3.85 40.62 -10.42
N HIS F 44 -3.28 39.52 -10.93
CA HIS F 44 -3.95 38.24 -10.91
C HIS F 44 -3.76 37.53 -9.59
N ALA F 45 -4.05 38.21 -8.48
CA ALA F 45 -3.90 37.63 -7.15
C ALA F 45 -5.22 37.19 -6.54
N LYS F 46 -6.34 37.79 -6.96
CA LYS F 46 -7.64 37.40 -6.46
C LYS F 46 -8.14 36.09 -7.06
N GLU F 47 -7.51 35.60 -8.13
CA GLU F 47 -7.92 34.40 -8.83
C GLU F 47 -6.97 33.23 -8.58
N ASP F 48 -6.30 33.22 -7.43
CA ASP F 48 -5.39 32.14 -7.07
C ASP F 48 -5.97 31.37 -5.90
N PRO F 49 -6.55 30.18 -6.13
CA PRO F 49 -7.11 29.40 -5.01
C PRO F 49 -6.06 28.78 -4.10
N LEU F 50 -4.77 28.95 -4.40
CA LEU F 50 -3.70 28.43 -3.57
C LEU F 50 -3.09 29.48 -2.66
N LEU F 51 -2.85 30.69 -3.17
CA LEU F 51 -2.35 31.77 -2.33
C LEU F 51 -3.36 32.13 -1.26
N THR F 52 -4.63 32.23 -1.63
CA THR F 52 -5.72 32.50 -0.69
C THR F 52 -6.67 31.32 -0.72
N PRO F 53 -6.93 30.66 0.40
CA PRO F 53 -7.79 29.46 0.39
C PRO F 53 -9.18 29.76 -0.16
N VAL F 54 -9.68 28.82 -0.97
CA VAL F 54 -11.00 28.93 -1.56
C VAL F 54 -12.04 28.58 -0.48
N PRO F 55 -13.22 29.17 -0.50
CA PRO F 55 -14.27 28.74 0.43
C PRO F 55 -14.61 27.27 0.24
N ALA F 56 -14.98 26.62 1.34
CA ALA F 56 -15.27 25.18 1.31
C ALA F 56 -16.46 24.85 0.42
N SER F 57 -17.35 25.81 0.18
CA SER F 57 -18.48 25.59 -0.71
C SER F 57 -18.09 25.67 -2.18
N GLU F 58 -16.91 26.21 -2.49
CA GLU F 58 -16.41 26.30 -3.85
C GLU F 58 -15.15 25.48 -4.05
N ASN F 59 -15.01 24.39 -3.29
CA ASN F 59 -13.83 23.54 -3.36
C ASN F 59 -14.21 22.20 -3.98
N PRO F 60 -13.85 21.96 -5.25
CA PRO F 60 -14.16 20.66 -5.85
C PRO F 60 -13.43 19.49 -5.20
N PHE F 61 -12.37 19.76 -4.45
CA PHE F 61 -11.59 18.70 -3.81
C PHE F 61 -11.84 18.67 -2.31
N ASP G 1 -14.80 -0.99 -39.44
CA ASP G 1 -16.19 -0.53 -39.47
C ASP G 1 -16.99 -1.16 -38.34
N VAL G 2 -17.62 -0.30 -37.53
CA VAL G 2 -18.49 -0.77 -36.45
C VAL G 2 -19.79 -1.26 -37.06
N GLN G 3 -20.18 -2.50 -36.73
CA GLN G 3 -21.36 -3.11 -37.33
C GLN G 3 -22.04 -4.01 -36.30
N LEU G 4 -23.31 -3.76 -36.03
CA LEU G 4 -24.14 -4.61 -35.19
C LEU G 4 -25.26 -5.18 -36.05
N VAL G 5 -25.36 -6.51 -36.07
CA VAL G 5 -26.37 -7.21 -36.88
C VAL G 5 -27.11 -8.19 -35.99
N GLU G 6 -28.43 -8.19 -36.08
CA GLU G 6 -29.27 -9.06 -35.27
C GLU G 6 -30.02 -10.06 -36.14
N SER G 7 -30.19 -11.27 -35.62
CA SER G 7 -30.90 -12.33 -36.32
C SER G 7 -31.71 -13.13 -35.32
N GLY G 8 -32.78 -13.74 -35.80
CA GLY G 8 -33.63 -14.55 -34.96
C GLY G 8 -35.08 -14.12 -34.99
N GLY G 9 -35.39 -13.07 -35.77
CA GLY G 9 -36.74 -12.61 -35.89
C GLY G 9 -37.59 -13.52 -36.77
N GLY G 10 -38.89 -13.33 -36.67
CA GLY G 10 -39.84 -14.13 -37.42
C GLY G 10 -41.18 -14.17 -36.73
N LEU G 11 -42.08 -14.97 -37.32
CA LEU G 11 -43.44 -15.12 -36.81
C LEU G 11 -43.47 -16.30 -35.84
N VAL G 12 -43.87 -16.04 -34.60
CA VAL G 12 -43.96 -17.07 -33.57
C VAL G 12 -45.34 -16.98 -32.93
N GLN G 13 -45.80 -18.12 -32.41
CA GLN G 13 -47.10 -18.22 -31.76
C GLN G 13 -47.00 -17.78 -30.31
N PRO G 14 -48.10 -17.30 -29.72
CA PRO G 14 -48.07 -16.90 -28.31
C PRO G 14 -47.74 -18.07 -27.41
N GLY G 15 -46.99 -17.78 -26.35
CA GLY G 15 -46.57 -18.78 -25.40
C GLY G 15 -45.26 -19.48 -25.76
N GLY G 16 -44.74 -19.28 -26.96
CA GLY G 16 -43.49 -19.86 -27.36
C GLY G 16 -42.30 -19.05 -26.89
N SER G 17 -41.11 -19.55 -27.22
CA SER G 17 -39.86 -18.91 -26.83
C SER G 17 -38.98 -18.72 -28.05
N ARG G 18 -38.33 -17.56 -28.11
CA ARG G 18 -37.42 -17.24 -29.20
C ARG G 18 -36.16 -16.60 -28.63
N LYS G 19 -35.07 -16.69 -29.38
CA LYS G 19 -33.78 -16.15 -28.98
C LYS G 19 -33.25 -15.24 -30.06
N LEU G 20 -32.83 -14.03 -29.69
CA LEU G 20 -32.26 -13.06 -30.61
C LEU G 20 -30.77 -12.90 -30.33
N SER G 21 -29.98 -12.93 -31.39
CA SER G 21 -28.53 -12.82 -31.28
C SER G 21 -28.05 -11.55 -31.95
N CYS G 22 -27.14 -10.83 -31.28
CA CYS G 22 -26.58 -9.58 -31.79
C CYS G 22 -25.06 -9.75 -31.86
N SER G 23 -24.56 -10.10 -33.04
CA SER G 23 -23.13 -10.29 -33.23
C SER G 23 -22.46 -8.97 -33.60
N ALA G 24 -21.36 -8.66 -32.93
CA ALA G 24 -20.64 -7.40 -33.12
C ALA G 24 -19.32 -7.66 -33.83
N SER G 25 -18.92 -6.72 -34.68
CA SER G 25 -17.68 -6.84 -35.43
C SER G 25 -17.20 -5.43 -35.77
N GLY G 26 -16.12 -4.99 -35.11
CA GLY G 26 -15.55 -3.69 -35.42
C GLY G 26 -15.23 -2.84 -34.21
N PHE G 27 -15.42 -3.38 -33.02
CA PHE G 27 -15.10 -2.66 -31.79
C PHE G 27 -14.87 -3.66 -30.67
N ALA G 28 -14.30 -3.17 -29.57
CA ALA G 28 -14.00 -4.00 -28.40
C ALA G 28 -15.29 -4.30 -27.67
N PHE G 29 -15.90 -5.43 -28.02
CA PHE G 29 -17.20 -5.79 -27.44
C PHE G 29 -17.09 -6.00 -25.93
N SER G 30 -15.94 -6.48 -25.44
CA SER G 30 -15.80 -6.80 -24.03
C SER G 30 -15.81 -5.57 -23.12
N SER G 31 -15.69 -4.37 -23.68
CA SER G 31 -15.65 -3.15 -22.88
C SER G 31 -16.92 -2.32 -22.96
N PHE G 32 -17.89 -2.72 -23.78
CA PHE G 32 -19.12 -1.97 -23.97
C PHE G 32 -20.29 -2.64 -23.25
N GLY G 33 -21.19 -1.83 -22.74
CA GLY G 33 -22.46 -2.30 -22.22
C GLY G 33 -23.51 -2.24 -23.32
N MET G 34 -24.27 -3.32 -23.45
CA MET G 34 -25.17 -3.50 -24.58
C MET G 34 -26.61 -3.48 -24.10
N HIS G 35 -27.45 -2.68 -24.78
CA HIS G 35 -28.86 -2.54 -24.46
C HIS G 35 -29.70 -3.25 -25.52
N TRP G 36 -30.96 -3.49 -25.17
CA TRP G 36 -31.98 -3.95 -26.11
C TRP G 36 -33.10 -2.93 -26.13
N VAL G 37 -33.36 -2.38 -27.31
CA VAL G 37 -34.43 -1.39 -27.51
C VAL G 37 -35.35 -1.90 -28.61
N ARG G 38 -36.65 -1.90 -28.34
CA ARG G 38 -37.64 -2.36 -29.29
C ARG G 38 -38.55 -1.21 -29.68
N GLN G 39 -39.00 -1.24 -30.94
CA GLN G 39 -39.85 -0.18 -31.49
C GLN G 39 -41.11 -0.85 -32.03
N ALA G 40 -42.23 -0.65 -31.34
CA ALA G 40 -43.50 -1.18 -31.80
C ALA G 40 -43.92 -0.49 -33.09
N PRO G 41 -44.74 -1.16 -33.91
CA PRO G 41 -45.17 -0.56 -35.19
C PRO G 41 -45.83 0.80 -35.02
N GLU G 42 -45.23 1.82 -35.66
CA GLU G 42 -45.73 3.20 -35.70
C GLU G 42 -46.19 3.69 -34.33
N LYS G 43 -45.50 3.25 -33.27
CA LYS G 43 -45.77 3.74 -31.93
C LYS G 43 -44.57 4.41 -31.29
N GLY G 44 -43.38 3.81 -31.39
CA GLY G 44 -42.19 4.45 -30.88
C GLY G 44 -41.20 3.52 -30.21
N LEU G 45 -40.04 4.05 -29.83
CA LEU G 45 -39.00 3.26 -29.19
C LEU G 45 -39.34 2.98 -27.74
N GLU G 46 -38.73 1.92 -27.19
CA GLU G 46 -38.96 1.53 -25.81
C GLU G 46 -37.79 0.68 -25.34
N TRP G 47 -37.21 1.04 -24.19
CA TRP G 47 -36.11 0.29 -23.63
C TRP G 47 -36.60 -1.04 -23.06
N VAL G 48 -35.74 -2.06 -23.16
CA VAL G 48 -36.13 -3.41 -22.74
C VAL G 48 -35.21 -3.91 -21.64
N ALA G 49 -33.91 -3.99 -21.92
CA ALA G 49 -32.97 -4.57 -20.97
C ALA G 49 -31.57 -4.01 -21.22
N TYR G 50 -30.70 -4.21 -20.23
CA TYR G 50 -29.33 -3.73 -20.29
C TYR G 50 -28.43 -4.65 -19.49
N ILE G 51 -27.26 -4.96 -20.05
CA ILE G 51 -26.25 -5.76 -19.37
C ILE G 51 -24.95 -4.96 -19.36
N SER G 52 -24.31 -4.87 -18.19
CA SER G 52 -23.09 -4.09 -18.06
C SER G 52 -21.92 -4.83 -18.68
N SER G 53 -20.79 -4.13 -18.78
CA SER G 53 -19.57 -4.74 -19.29
C SER G 53 -19.06 -5.79 -18.29
N GLY G 54 -18.74 -6.97 -18.80
CA GLY G 54 -18.36 -8.07 -17.94
C GLY G 54 -19.52 -8.81 -17.31
N SER G 55 -20.75 -8.53 -17.73
CA SER G 55 -21.96 -9.17 -17.22
C SER G 55 -22.17 -8.93 -15.73
N GLY G 56 -21.67 -7.81 -15.21
CA GLY G 56 -21.80 -7.51 -13.80
C GLY G 56 -23.18 -7.08 -13.38
N THR G 57 -23.67 -5.99 -13.98
CA THR G 57 -24.97 -5.43 -13.62
C THR G 57 -25.97 -5.66 -14.74
N ILE G 58 -27.14 -6.18 -14.38
CA ILE G 58 -28.19 -6.50 -15.34
C ILE G 58 -29.48 -5.83 -14.89
N TYR G 59 -30.18 -5.18 -15.84
CA TYR G 59 -31.45 -4.53 -15.58
C TYR G 59 -32.47 -4.95 -16.62
N TYR G 60 -33.74 -4.92 -16.23
CA TYR G 60 -34.84 -5.24 -17.13
C TYR G 60 -35.94 -4.19 -16.99
N ALA G 61 -36.72 -4.03 -18.05
CA ALA G 61 -37.88 -3.16 -18.00
C ALA G 61 -38.97 -3.78 -17.15
N ASP G 62 -39.78 -2.94 -16.52
CA ASP G 62 -40.88 -3.43 -15.68
C ASP G 62 -41.90 -4.23 -16.48
N THR G 63 -42.05 -3.93 -17.77
CA THR G 63 -43.02 -4.65 -18.59
C THR G 63 -42.64 -6.12 -18.76
N VAL G 64 -41.34 -6.39 -18.93
CA VAL G 64 -40.89 -7.75 -19.22
C VAL G 64 -39.93 -8.23 -18.15
N LYS G 65 -40.06 -7.68 -16.94
CA LYS G 65 -39.21 -8.12 -15.83
C LYS G 65 -39.60 -9.53 -15.41
N GLY G 66 -38.60 -10.40 -15.28
CA GLY G 66 -38.83 -11.79 -14.94
C GLY G 66 -39.29 -12.65 -16.09
N ARG G 67 -39.55 -12.07 -17.26
CA ARG G 67 -39.99 -12.81 -18.44
C ARG G 67 -38.89 -12.95 -19.47
N PHE G 68 -38.05 -11.93 -19.64
CA PHE G 68 -36.92 -11.97 -20.56
C PHE G 68 -35.65 -12.22 -19.78
N THR G 69 -34.60 -12.61 -20.51
CA THR G 69 -33.28 -12.75 -19.92
C THR G 69 -32.24 -12.34 -20.97
N ILE G 70 -31.15 -11.74 -20.49
CA ILE G 70 -30.08 -11.25 -21.34
C ILE G 70 -28.79 -11.96 -20.94
N SER G 71 -28.01 -12.37 -21.93
CA SER G 71 -26.75 -13.04 -21.70
C SER G 71 -25.68 -12.45 -22.61
N ARG G 72 -24.43 -12.56 -22.18
CA ARG G 72 -23.31 -11.93 -22.86
C ARG G 72 -22.22 -12.96 -23.11
N ASP G 73 -21.76 -13.05 -24.35
CA ASP G 73 -20.70 -13.97 -24.73
C ASP G 73 -19.54 -13.14 -25.28
N ASP G 74 -18.68 -12.68 -24.37
CA ASP G 74 -17.56 -11.82 -24.76
C ASP G 74 -16.59 -12.49 -25.72
N PRO G 75 -16.12 -13.73 -25.50
CA PRO G 75 -15.19 -14.34 -26.46
C PRO G 75 -15.75 -14.51 -27.86
N LYS G 76 -17.07 -14.63 -28.00
CA LYS G 76 -17.70 -14.82 -29.30
C LYS G 76 -18.25 -13.53 -29.90
N ASN G 77 -18.22 -12.43 -29.16
CA ASN G 77 -18.73 -11.13 -29.62
C ASN G 77 -20.20 -11.25 -30.06
N THR G 78 -20.99 -11.84 -29.18
CA THR G 78 -22.41 -12.06 -29.47
C THR G 78 -23.23 -11.72 -28.22
N LEU G 79 -24.34 -11.04 -28.44
CA LEU G 79 -25.27 -10.68 -27.38
C LEU G 79 -26.60 -11.37 -27.62
N PHE G 80 -27.14 -12.03 -26.60
CA PHE G 80 -28.36 -12.81 -26.72
C PHE G 80 -29.48 -12.19 -25.91
N LEU G 81 -30.71 -12.49 -26.31
CA LEU G 81 -31.91 -12.11 -25.57
C LEU G 81 -32.92 -13.24 -25.71
N GLN G 82 -33.09 -14.02 -24.64
CA GLN G 82 -34.00 -15.16 -24.64
C GLN G 82 -35.32 -14.74 -23.99
N MET G 83 -36.39 -14.83 -24.77
CA MET G 83 -37.72 -14.48 -24.30
C MET G 83 -38.51 -15.75 -24.01
N THR G 84 -39.06 -15.85 -22.80
CA THR G 84 -39.72 -17.07 -22.35
C THR G 84 -41.15 -17.18 -22.88
N SER G 85 -42.01 -16.24 -22.52
CA SER G 85 -43.40 -16.23 -22.96
C SER G 85 -43.68 -14.93 -23.70
N LEU G 86 -44.26 -15.05 -24.90
CA LEU G 86 -44.48 -13.90 -25.76
C LEU G 86 -45.99 -13.66 -25.90
N ARG G 87 -46.42 -12.44 -25.61
CA ARG G 87 -47.78 -12.01 -25.85
C ARG G 87 -47.85 -11.34 -27.22
N SER G 88 -49.00 -10.73 -27.52
CA SER G 88 -49.13 -9.95 -28.75
C SER G 88 -48.48 -8.58 -28.65
N GLU G 89 -48.04 -8.19 -27.45
CA GLU G 89 -47.36 -6.92 -27.25
C GLU G 89 -45.87 -6.98 -27.56
N ASP G 90 -45.29 -8.18 -27.64
CA ASP G 90 -43.85 -8.31 -27.84
C ASP G 90 -43.44 -8.02 -29.27
N THR G 91 -44.37 -7.93 -30.20
CA THR G 91 -44.01 -7.65 -31.59
C THR G 91 -43.48 -6.24 -31.73
N ALA G 92 -42.24 -6.12 -32.24
CA ALA G 92 -41.54 -4.86 -32.38
C ALA G 92 -40.23 -5.13 -33.09
N MET G 93 -39.59 -4.05 -33.54
CA MET G 93 -38.25 -4.13 -34.14
C MET G 93 -37.22 -3.97 -33.04
N TYR G 94 -36.61 -5.08 -32.62
CA TYR G 94 -35.65 -5.06 -31.52
C TYR G 94 -34.29 -4.59 -32.03
N TYR G 95 -33.77 -3.53 -31.43
CA TYR G 95 -32.47 -2.98 -31.79
C TYR G 95 -31.43 -3.39 -30.76
N CYS G 96 -30.16 -3.34 -31.18
CA CYS G 96 -29.03 -3.71 -30.34
C CYS G 96 -28.09 -2.51 -30.28
N VAL G 97 -27.91 -1.95 -29.09
CA VAL G 97 -27.21 -0.69 -28.90
C VAL G 97 -26.05 -0.90 -27.94
N ARG G 98 -24.90 -0.33 -28.29
CA ARG G 98 -23.71 -0.39 -27.45
C ARG G 98 -23.57 0.88 -26.62
N SER G 99 -22.96 0.73 -25.44
CA SER G 99 -22.83 1.84 -24.51
C SER G 99 -21.56 1.66 -23.69
N ILE G 100 -20.74 2.71 -23.63
CA ILE G 100 -19.54 2.74 -22.80
C ILE G 100 -19.65 3.93 -21.86
N TYR G 101 -19.36 3.70 -20.58
CA TYR G 101 -19.57 4.69 -19.53
C TYR G 101 -18.24 5.06 -18.89
N TYR G 102 -17.80 6.29 -19.12
CA TYR G 102 -16.71 6.90 -18.36
C TYR G 102 -16.87 8.42 -18.49
N TYR G 103 -15.97 9.15 -17.83
CA TYR G 103 -16.06 10.60 -17.84
C TYR G 103 -15.90 11.16 -19.24
N GLY G 104 -16.98 11.72 -19.80
CA GLY G 104 -16.94 12.32 -21.11
C GLY G 104 -17.22 11.37 -22.26
N SER G 105 -17.79 10.20 -22.00
CA SER G 105 -18.04 9.21 -23.04
C SER G 105 -19.37 9.48 -23.75
N SER G 106 -19.59 8.73 -24.83
CA SER G 106 -20.84 8.80 -25.59
C SER G 106 -21.51 7.43 -25.54
N PRO G 107 -22.45 7.21 -24.61
CA PRO G 107 -22.98 5.86 -24.38
C PRO G 107 -24.18 5.48 -25.23
N PHE G 108 -24.52 6.20 -26.31
CA PHE G 108 -25.60 5.78 -27.17
C PHE G 108 -25.32 6.10 -28.63
N ASP G 109 -24.05 6.07 -29.02
CA ASP G 109 -23.65 6.53 -30.34
C ASP G 109 -24.18 5.62 -31.45
N PHE G 110 -23.98 4.31 -31.30
CA PHE G 110 -24.25 3.37 -32.39
C PHE G 110 -25.45 2.49 -32.05
N TRP G 111 -26.38 2.39 -33.00
CA TRP G 111 -27.53 1.51 -32.92
C TRP G 111 -27.44 0.43 -33.98
N GLY G 112 -27.93 -0.76 -33.64
CA GLY G 112 -27.91 -1.87 -34.57
C GLY G 112 -28.94 -1.71 -35.67
N GLN G 113 -28.89 -2.65 -36.62
CA GLN G 113 -29.80 -2.61 -37.76
C GLN G 113 -31.21 -3.06 -37.40
N GLY G 114 -31.38 -3.78 -36.30
CA GLY G 114 -32.71 -4.17 -35.86
C GLY G 114 -33.23 -5.39 -36.59
N THR G 115 -33.99 -6.21 -35.84
CA THR G 115 -34.64 -7.38 -36.38
C THR G 115 -36.13 -7.31 -36.05
N THR G 116 -36.96 -7.85 -36.95
CA THR G 116 -38.41 -7.76 -36.82
C THR G 116 -38.96 -9.04 -36.22
N LEU G 117 -39.62 -8.92 -35.07
CA LEU G 117 -40.29 -10.02 -34.40
C LEU G 117 -41.79 -9.80 -34.47
N THR G 118 -42.52 -10.80 -34.94
CA THR G 118 -43.97 -10.74 -35.09
C THR G 118 -44.61 -11.88 -34.33
N VAL G 119 -45.65 -11.57 -33.56
CA VAL G 119 -46.41 -12.58 -32.81
C VAL G 119 -47.84 -12.54 -33.30
N SER G 120 -48.37 -13.70 -33.70
CA SER G 120 -49.73 -13.79 -34.19
C SER G 120 -50.73 -13.71 -33.03
N SER G 121 -51.98 -13.44 -33.38
CA SER G 121 -53.05 -13.34 -32.38
C SER G 121 -53.69 -14.71 -32.14
N SER G 136 -43.84 6.90 -10.33
CA SER G 136 -42.78 5.91 -10.19
C SER G 136 -41.64 6.19 -11.18
N ASP G 137 -41.91 5.95 -12.46
CA ASP G 137 -40.93 6.18 -13.51
C ASP G 137 -40.98 7.63 -13.98
N ILE G 138 -39.89 8.05 -14.62
CA ILE G 138 -39.82 9.40 -15.18
C ILE G 138 -40.56 9.43 -16.50
N VAL G 139 -41.62 10.23 -16.58
CA VAL G 139 -42.46 10.33 -17.77
C VAL G 139 -42.01 11.54 -18.56
N MET G 140 -41.59 11.30 -19.81
CA MET G 140 -41.17 12.36 -20.72
C MET G 140 -42.23 12.52 -21.81
N THR G 141 -42.68 13.76 -22.00
CA THR G 141 -43.73 14.08 -22.95
C THR G 141 -43.23 15.06 -23.98
N GLN G 142 -43.55 14.79 -25.25
CA GLN G 142 -43.23 15.68 -26.35
C GLN G 142 -44.48 16.43 -26.77
N ALA G 143 -44.33 17.73 -27.01
CA ALA G 143 -45.49 18.62 -27.17
C ALA G 143 -46.31 18.24 -28.39
N THR G 144 -45.67 17.98 -29.52
CA THR G 144 -46.38 17.75 -30.78
C THR G 144 -46.00 16.40 -31.35
N SER G 145 -46.57 16.10 -32.52
CA SER G 145 -46.29 14.85 -33.24
C SER G 145 -45.91 15.03 -34.69
N SER G 146 -46.26 16.16 -35.33
CA SER G 146 -45.91 16.41 -36.71
C SER G 146 -45.66 17.91 -36.89
N VAL G 147 -44.54 18.24 -37.53
CA VAL G 147 -44.17 19.63 -37.75
C VAL G 147 -43.77 19.82 -39.21
N PRO G 148 -44.63 20.40 -40.05
CA PRO G 148 -44.22 20.71 -41.42
C PRO G 148 -43.31 21.93 -41.44
N VAL G 149 -42.32 21.88 -42.33
CA VAL G 149 -41.35 22.97 -42.45
C VAL G 149 -40.67 22.86 -43.81
N THR G 150 -40.19 23.98 -44.31
CA THR G 150 -39.45 24.07 -45.56
C THR G 150 -37.95 24.22 -45.28
N PRO G 151 -37.10 23.82 -46.23
CA PRO G 151 -35.66 23.92 -46.00
C PRO G 151 -35.23 25.38 -45.79
N GLY G 152 -34.20 25.55 -44.96
CA GLY G 152 -33.69 26.86 -44.63
C GLY G 152 -34.36 27.55 -43.47
N GLU G 153 -35.36 26.93 -42.85
CA GLU G 153 -36.06 27.50 -41.72
C GLU G 153 -35.68 26.76 -40.45
N SER G 154 -35.31 27.52 -39.41
CA SER G 154 -34.94 26.92 -38.14
C SER G 154 -36.15 26.26 -37.48
N VAL G 155 -35.92 25.08 -36.92
CA VAL G 155 -36.97 24.30 -36.27
C VAL G 155 -36.56 24.02 -34.84
N SER G 156 -37.49 24.18 -33.91
CA SER G 156 -37.25 23.95 -32.50
C SER G 156 -38.15 22.81 -32.02
N ILE G 157 -37.55 21.81 -31.37
CA ILE G 157 -38.26 20.68 -30.82
C ILE G 157 -38.03 20.66 -29.31
N SER G 158 -39.12 20.54 -28.54
CA SER G 158 -39.04 20.62 -27.09
C SER G 158 -39.83 19.49 -26.46
N CYS G 159 -39.30 18.94 -25.37
CA CYS G 159 -39.99 17.93 -24.58
C CYS G 159 -39.69 18.16 -23.11
N ARG G 160 -40.66 17.80 -22.26
CA ARG G 160 -40.54 17.97 -20.82
C ARG G 160 -40.29 16.64 -20.15
N SER G 161 -40.24 16.67 -18.82
CA SER G 161 -40.02 15.48 -18.01
C SER G 161 -40.68 15.67 -16.65
N SER G 162 -40.86 14.56 -15.94
CA SER G 162 -41.48 14.61 -14.62
C SER G 162 -40.51 15.18 -13.57
N LYS G 163 -39.37 14.53 -13.39
CA LYS G 163 -38.36 15.00 -12.45
C LYS G 163 -37.40 15.96 -13.15
N SER G 164 -36.50 16.53 -12.36
CA SER G 164 -35.45 17.39 -12.88
C SER G 164 -34.23 16.53 -13.20
N LEU G 165 -33.90 16.42 -14.49
CA LEU G 165 -32.79 15.60 -14.91
C LEU G 165 -31.44 16.18 -14.54
N LEU G 166 -31.39 17.43 -14.10
CA LEU G 166 -30.13 18.05 -13.69
C LEU G 166 -29.69 17.45 -12.36
N HIS G 167 -28.63 16.63 -12.40
CA HIS G 167 -28.08 16.02 -11.21
C HIS G 167 -27.30 17.07 -10.40
N SER G 168 -26.97 16.72 -9.16
CA SER G 168 -26.14 17.59 -8.34
C SER G 168 -24.71 17.69 -8.87
N ASN G 169 -24.32 16.80 -9.78
CA ASN G 169 -22.98 16.84 -10.36
C ASN G 169 -22.86 17.91 -11.44
N GLY G 170 -23.96 18.54 -11.83
CA GLY G 170 -23.96 19.52 -12.88
C GLY G 170 -24.32 18.99 -14.26
N ASN G 171 -24.41 17.68 -14.42
CA ASN G 171 -24.74 17.08 -15.70
C ASN G 171 -26.25 16.84 -15.82
N THR G 172 -26.79 17.14 -17.00
CA THR G 172 -28.18 16.86 -17.32
C THR G 172 -28.19 15.65 -18.26
N TYR G 173 -28.96 14.63 -17.89
CA TYR G 173 -28.97 13.37 -18.63
C TYR G 173 -30.16 13.37 -19.58
N LEU G 174 -29.94 13.93 -20.77
CA LEU G 174 -30.92 13.92 -21.85
C LEU G 174 -30.24 13.52 -23.14
N TYR G 175 -30.88 12.63 -23.89
CA TYR G 175 -30.34 12.15 -25.15
C TYR G 175 -31.33 12.40 -26.26
N TRP G 176 -30.84 12.93 -27.38
CA TRP G 176 -31.64 13.21 -28.55
C TRP G 176 -31.25 12.27 -29.67
N PHE G 177 -32.24 11.59 -30.24
CA PHE G 177 -32.02 10.64 -31.32
C PHE G 177 -32.84 11.04 -32.54
N LEU G 178 -32.34 10.68 -33.72
CA LEU G 178 -33.03 10.94 -34.97
C LEU G 178 -33.16 9.63 -35.73
N GLN G 179 -34.38 9.26 -36.09
CA GLN G 179 -34.67 8.03 -36.82
C GLN G 179 -35.14 8.41 -38.22
N ARG G 180 -34.24 8.38 -39.18
CA ARG G 180 -34.61 8.65 -40.57
C ARG G 180 -35.51 7.52 -41.08
N PRO G 181 -36.41 7.82 -42.02
CA PRO G 181 -37.32 6.79 -42.54
C PRO G 181 -36.56 5.63 -43.15
N GLY G 182 -36.87 4.43 -42.68
CA GLY G 182 -36.22 3.23 -43.18
C GLY G 182 -34.87 2.91 -42.59
N GLN G 183 -34.43 3.67 -41.60
CA GLN G 183 -33.12 3.47 -40.98
C GLN G 183 -33.28 3.31 -39.47
N SER G 184 -32.15 3.24 -38.77
CA SER G 184 -32.08 3.09 -37.33
C SER G 184 -31.79 4.43 -36.67
N PRO G 185 -32.19 4.60 -35.40
CA PRO G 185 -31.95 5.88 -34.72
C PRO G 185 -30.46 6.19 -34.62
N GLN G 186 -30.15 7.49 -34.68
CA GLN G 186 -28.79 7.97 -34.60
C GLN G 186 -28.71 9.04 -33.51
N LEU G 187 -27.65 8.96 -32.69
CA LEU G 187 -27.48 9.91 -31.60
C LEU G 187 -27.02 11.26 -32.11
N LEU G 188 -27.62 12.33 -31.59
CA LEU G 188 -27.25 13.69 -31.95
C LEU G 188 -26.67 14.45 -30.76
N ILE G 189 -27.40 14.52 -29.64
CA ILE G 189 -26.96 15.21 -28.44
C ILE G 189 -27.13 14.25 -27.28
N TYR G 190 -26.08 14.07 -26.46
CA TYR G 190 -26.12 12.98 -25.49
C TYR G 190 -26.23 13.41 -24.03
N ARG G 191 -25.91 14.65 -23.65
CA ARG G 191 -26.25 15.09 -22.30
C ARG G 191 -27.22 16.28 -22.29
N MET G 192 -26.80 17.46 -22.74
CA MET G 192 -27.75 18.54 -22.96
C MET G 192 -27.45 19.27 -24.26
N SER G 193 -26.16 19.46 -24.54
CA SER G 193 -25.72 20.22 -25.70
C SER G 193 -24.46 19.62 -26.33
N ASN G 194 -24.06 18.41 -25.93
CA ASN G 194 -22.83 17.81 -26.41
C ASN G 194 -23.11 17.13 -27.75
N LEU G 195 -22.56 17.68 -28.81
CA LEU G 195 -22.75 17.12 -30.14
C LEU G 195 -22.08 15.75 -30.26
N ALA G 196 -22.75 14.83 -30.93
CA ALA G 196 -22.20 13.50 -31.13
C ALA G 196 -21.07 13.54 -32.16
N SER G 197 -20.46 12.39 -32.41
CA SER G 197 -19.33 12.29 -33.32
C SER G 197 -19.86 12.13 -34.74
N GLY G 198 -19.47 13.05 -35.62
CA GLY G 198 -19.83 12.97 -37.02
C GLY G 198 -21.13 13.65 -37.39
N VAL G 199 -21.91 14.12 -36.43
CA VAL G 199 -23.16 14.83 -36.71
C VAL G 199 -22.82 16.24 -37.19
N PRO G 200 -23.65 16.82 -38.06
CA PRO G 200 -23.39 18.21 -38.49
C PRO G 200 -23.49 19.18 -37.32
N ASP G 201 -22.73 20.27 -37.42
CA ASP G 201 -22.67 21.27 -36.37
C ASP G 201 -23.93 22.13 -36.28
N ARG G 202 -24.84 22.01 -37.24
CA ARG G 202 -26.05 22.84 -37.22
C ARG G 202 -26.96 22.49 -36.06
N PHE G 203 -26.93 21.23 -35.59
CA PHE G 203 -27.74 20.84 -34.46
C PHE G 203 -27.19 21.43 -33.16
N SER G 204 -28.10 21.82 -32.28
CA SER G 204 -27.73 22.38 -30.99
C SER G 204 -28.85 22.09 -30.00
N GLY G 205 -28.48 21.95 -28.74
CA GLY G 205 -29.44 21.63 -27.69
C GLY G 205 -29.24 22.49 -26.47
N SER G 206 -30.31 22.65 -25.71
CA SER G 206 -30.27 23.41 -24.46
C SER G 206 -31.33 22.85 -23.52
N GLY G 207 -31.61 23.58 -22.46
CA GLY G 207 -32.63 23.16 -21.51
C GLY G 207 -32.31 23.69 -20.13
N SER G 208 -33.29 23.54 -19.23
CA SER G 208 -33.13 24.00 -17.86
C SER G 208 -33.96 23.09 -16.95
N GLY G 209 -33.33 22.05 -16.43
CA GLY G 209 -33.94 21.21 -15.42
C GLY G 209 -35.00 20.26 -15.92
N THR G 210 -36.16 20.80 -16.31
CA THR G 210 -37.29 19.99 -16.74
C THR G 210 -37.80 20.34 -18.12
N ALA G 211 -37.36 21.45 -18.71
CA ALA G 211 -37.77 21.85 -20.04
C ALA G 211 -36.55 21.96 -20.92
N PHE G 212 -36.56 21.26 -22.06
CA PHE G 212 -35.42 21.20 -22.95
C PHE G 212 -35.87 21.52 -24.37
N THR G 213 -34.94 22.08 -25.15
CA THR G 213 -35.22 22.45 -26.53
C THR G 213 -34.11 21.95 -27.43
N LEU G 214 -34.50 21.41 -28.58
CA LEU G 214 -33.57 21.03 -29.64
C LEU G 214 -33.82 21.91 -30.85
N THR G 215 -32.77 22.58 -31.32
CA THR G 215 -32.89 23.52 -32.43
C THR G 215 -32.05 23.03 -33.61
N ILE G 216 -32.58 23.20 -34.81
CA ILE G 216 -31.92 22.81 -36.05
C ILE G 216 -31.87 24.04 -36.95
N SER G 217 -30.72 24.70 -37.01
CA SER G 217 -30.56 25.87 -37.85
C SER G 217 -30.10 25.44 -39.25
N ARG G 218 -30.67 26.11 -40.27
CA ARG G 218 -30.38 25.80 -41.67
C ARG G 218 -30.71 24.34 -41.98
N LEU G 219 -31.99 24.00 -41.83
CA LEU G 219 -32.43 22.64 -42.01
C LEU G 219 -32.19 22.16 -43.44
N GLU G 220 -31.72 20.92 -43.57
CA GLU G 220 -31.41 20.31 -44.85
C GLU G 220 -32.45 19.21 -45.13
N ALA G 221 -32.47 18.73 -46.36
CA ALA G 221 -33.51 17.79 -46.79
C ALA G 221 -33.37 16.45 -46.07
N GLU G 222 -32.15 16.09 -45.68
CA GLU G 222 -31.89 14.81 -45.03
C GLU G 222 -32.10 14.84 -43.53
N ASP G 223 -32.54 15.97 -42.98
CA ASP G 223 -32.81 16.08 -41.56
C ASP G 223 -34.22 15.64 -41.19
N VAL G 224 -35.03 15.23 -42.16
CA VAL G 224 -36.40 14.80 -41.86
C VAL G 224 -36.36 13.45 -41.16
N GLY G 225 -37.37 13.21 -40.34
CA GLY G 225 -37.46 11.97 -39.59
C GLY G 225 -38.17 12.19 -38.27
N VAL G 226 -38.11 11.18 -37.42
CA VAL G 226 -38.74 11.20 -36.11
C VAL G 226 -37.68 11.45 -35.06
N TYR G 227 -37.91 12.43 -34.20
CA TYR G 227 -36.96 12.80 -33.15
C TYR G 227 -37.46 12.30 -31.80
N TYR G 228 -36.57 11.64 -31.06
CA TYR G 228 -36.89 11.10 -29.75
C TYR G 228 -35.95 11.69 -28.72
N CYS G 229 -36.50 12.07 -27.57
CA CYS G 229 -35.70 12.55 -26.44
C CYS G 229 -35.83 11.54 -25.30
N MET G 230 -34.70 11.14 -24.74
CA MET G 230 -34.63 10.09 -23.75
C MET G 230 -33.81 10.56 -22.55
N GLN G 231 -34.16 10.04 -21.37
CA GLN G 231 -33.46 10.36 -20.14
C GLN G 231 -32.65 9.15 -19.68
N HIS G 232 -31.47 9.40 -19.12
CA HIS G 232 -30.61 8.36 -18.57
C HIS G 232 -30.32 8.60 -17.10
N LEU G 233 -31.14 9.42 -16.44
CA LEU G 233 -30.90 9.74 -15.04
C LEU G 233 -31.08 8.54 -14.14
N GLU G 234 -32.07 7.69 -14.43
CA GLU G 234 -32.36 6.55 -13.58
C GLU G 234 -33.07 5.49 -14.42
N TYR G 235 -32.75 4.23 -14.13
CA TYR G 235 -33.43 3.11 -14.78
C TYR G 235 -34.84 2.94 -14.21
N PRO G 236 -35.80 2.52 -15.04
CA PRO G 236 -35.68 2.17 -16.47
C PRO G 236 -35.63 3.40 -17.37
N LEU G 237 -35.04 3.28 -18.55
CA LEU G 237 -34.95 4.39 -19.48
C LEU G 237 -36.27 4.58 -20.20
N THR G 238 -36.70 5.84 -20.32
CA THR G 238 -37.97 6.18 -20.93
C THR G 238 -37.74 7.13 -22.11
N PHE G 239 -38.44 6.88 -23.20
CA PHE G 239 -38.36 7.70 -24.40
C PHE G 239 -39.56 8.63 -24.49
N GLY G 240 -39.44 9.64 -25.36
CA GLY G 240 -40.53 10.56 -25.61
C GLY G 240 -41.57 9.98 -26.54
N ALA G 241 -42.62 10.76 -26.75
CA ALA G 241 -43.69 10.33 -27.66
C ALA G 241 -43.17 10.20 -29.09
N GLY G 242 -42.35 11.15 -29.52
CA GLY G 242 -41.80 11.12 -30.86
C GLY G 242 -42.31 12.24 -31.74
N THR G 243 -41.42 13.16 -32.13
CA THR G 243 -41.78 14.28 -32.98
C THR G 243 -41.32 14.00 -34.41
N LYS G 244 -42.26 14.09 -35.34
CA LYS G 244 -42.01 13.81 -36.75
C LYS G 244 -41.90 15.12 -37.51
N LEU G 245 -40.85 15.25 -38.33
CA LEU G 245 -40.66 16.42 -39.17
C LEU G 245 -41.18 16.11 -40.57
N GLU G 246 -41.99 17.02 -41.11
CA GLU G 246 -42.60 16.84 -42.42
C GLU G 246 -42.10 17.90 -43.38
N LEU G 247 -42.02 17.53 -44.65
CA LEU G 247 -41.53 18.43 -45.69
C LEU G 247 -42.36 18.27 -46.96
#